data_6E48
#
_entry.id   6E48
#
_cell.length_a   101.091
_cell.length_b   152.891
_cell.length_c   70.037
_cell.angle_alpha   90.000
_cell.angle_beta   90.000
_cell.angle_gamma   90.000
#
_symmetry.space_group_name_H-M   'P 21 21 2'
#
loop_
_entity.id
_entity.type
_entity.pdbx_description
1 polymer 'VP1 P domain'
2 polymer 'CMRF35-like molecule 1'
3 non-polymer '(3beta,5beta,14beta,17alpha)-3-hydroxycholan-24-oic acid'
4 non-polymer 'CALCIUM ION'
5 non-polymer 1,2-ETHANEDIOL
6 water water
#
loop_
_entity_poly.entity_id
_entity_poly.type
_entity_poly.pdbx_seq_one_letter_code
_entity_poly.pdbx_strand_id
1 'polypeptide(L)'
;MVDLPVIQPRLCTHARWPAPVYGLLVDPSLPSNPQWQNGRVHVDGTLLGTTPISGSWVSCFAAEAAYKFQSGTGEVATFT
LIEQDGSAYVPGDRAAPLGYPDFSGQLEIEVQTETTKTGDKLKVTTFEMILGPTTNADQAPYQGRVFASVTAAASLDLVD
GRVRAVPRSIYGFQDTIPEYNDGLLVPLAPPIGPFLPGEVLLRFRTYMRQIDTADAAAEAIDCALPQEFVSWFASNAFTV
QSEALLLRYRNTLTGQLLFECKLYNEGYIALSYSGSGPLTFPTDGIFEVVSWVPRLYQLASVGS
;
A,B
2 'polypeptide(L)'
;MEDPVTGPEEVSGQEQGSLTVQCRYTSGWKDYKKYWCQGVPQRSCKTLVETDASEQLVKKNRVSIRDNQRDFIFTVTMED
LRMSDAGIYWCGITKGGLDPMFKVTVNIGPVPT
;
F,G
#
# COMPACT_ATOMS: atom_id res chain seq x y z
N MET A 1 34.45 -3.09 -14.63
CA MET A 1 33.74 -4.31 -15.00
C MET A 1 32.34 -4.27 -14.37
N VAL A 2 31.36 -4.66 -15.19
CA VAL A 2 29.99 -4.77 -14.72
C VAL A 2 29.93 -5.58 -13.43
N ASP A 3 29.03 -5.18 -12.51
CA ASP A 3 28.88 -5.88 -11.26
C ASP A 3 27.44 -5.79 -10.80
N LEU A 4 27.14 -6.45 -9.68
CA LEU A 4 25.81 -6.42 -9.14
C LEU A 4 25.83 -5.90 -7.71
N PRO A 5 24.72 -5.36 -7.23
CA PRO A 5 24.69 -4.89 -5.85
C PRO A 5 24.88 -6.03 -4.87
N VAL A 6 25.54 -5.72 -3.76
CA VAL A 6 25.82 -6.73 -2.73
C VAL A 6 24.63 -6.68 -1.79
N ILE A 7 23.54 -7.34 -2.20
CA ILE A 7 22.31 -7.37 -1.41
C ILE A 7 21.70 -8.75 -1.56
N GLN A 8 21.35 -9.38 -0.43
CA GLN A 8 20.68 -10.68 -0.49
C GLN A 8 19.28 -10.54 -1.08
N PRO A 9 18.82 -11.52 -1.85
CA PRO A 9 17.46 -11.43 -2.39
C PRO A 9 16.38 -11.20 -1.33
N ARG A 10 16.53 -11.74 -0.12
CA ARG A 10 15.48 -11.54 0.88
C ARG A 10 15.43 -10.12 1.41
N LEU A 11 16.44 -9.31 1.13
CA LEU A 11 16.40 -7.91 1.53
C LEU A 11 16.00 -7.01 0.35
N CYS A 12 15.68 -7.58 -0.78
CA CYS A 12 15.34 -6.84 -1.97
C CYS A 12 13.84 -6.62 -2.11
N THR A 13 13.50 -5.73 -3.05
CA THR A 13 12.15 -5.31 -3.35
C THR A 13 11.68 -5.98 -4.63
N HIS A 14 10.46 -6.49 -4.61
CA HIS A 14 9.90 -7.15 -5.78
C HIS A 14 9.57 -6.10 -6.86
N ALA A 15 9.67 -6.52 -8.12
CA ALA A 15 9.60 -5.59 -9.25
C ALA A 15 8.25 -5.61 -9.96
N ARG A 16 7.34 -6.49 -9.57
CA ARG A 16 6.00 -6.49 -10.16
C ARG A 16 4.85 -6.29 -9.17
N TRP A 17 5.09 -6.43 -7.87
CA TRP A 17 4.09 -6.15 -6.85
C TRP A 17 4.85 -5.53 -5.69
N PRO A 18 4.35 -4.43 -5.07
CA PRO A 18 5.15 -3.72 -4.07
C PRO A 18 5.19 -4.47 -2.76
N ALA A 19 6.23 -5.27 -2.62
CA ALA A 19 6.42 -6.13 -1.46
C ALA A 19 7.83 -6.65 -1.44
N PRO A 20 8.30 -7.21 -0.33
CA PRO A 20 9.62 -7.84 -0.32
C PRO A 20 9.68 -9.01 -1.29
N VAL A 21 10.89 -9.31 -1.74
CA VAL A 21 11.18 -10.62 -2.32
C VAL A 21 11.21 -11.65 -1.19
N TYR A 22 10.45 -12.73 -1.35
CA TYR A 22 10.41 -13.80 -0.35
C TYR A 22 11.00 -15.11 -0.83
N GLY A 23 10.97 -15.36 -2.13
CA GLY A 23 11.38 -16.65 -2.64
C GLY A 23 12.26 -16.49 -3.87
N LEU A 24 13.05 -17.52 -4.10
CA LEU A 24 13.97 -17.59 -5.22
C LEU A 24 13.88 -19.03 -5.68
N LEU A 25 13.44 -19.24 -6.92
CA LEU A 25 13.07 -20.60 -7.32
C LEU A 25 13.07 -20.72 -8.83
N VAL A 26 13.05 -21.99 -9.25
CA VAL A 26 12.70 -22.39 -10.60
C VAL A 26 11.51 -23.32 -10.52
N ASP A 27 10.69 -23.26 -11.55
CA ASP A 27 9.50 -24.11 -11.64
C ASP A 27 9.20 -24.36 -13.11
N PRO A 28 9.61 -25.50 -13.67
CA PRO A 28 9.39 -25.76 -15.09
C PRO A 28 7.94 -25.98 -15.46
N SER A 29 7.04 -26.14 -14.49
CA SER A 29 5.64 -26.31 -14.82
C SER A 29 4.97 -25.00 -15.18
N LEU A 30 5.64 -23.88 -14.92
CA LEU A 30 5.06 -22.58 -15.17
C LEU A 30 5.34 -22.13 -16.59
N PRO A 31 4.61 -21.14 -17.09
CA PRO A 31 4.91 -20.62 -18.43
C PRO A 31 6.35 -20.16 -18.50
N SER A 32 7.05 -20.67 -19.51
CA SER A 32 8.50 -20.57 -19.55
C SER A 32 8.97 -19.22 -20.10
N ASN A 33 8.14 -18.52 -20.86
CA ASN A 33 8.53 -17.28 -21.53
C ASN A 33 7.52 -16.19 -21.21
N PRO A 34 7.40 -15.78 -19.95
CA PRO A 34 6.38 -14.79 -19.61
C PRO A 34 6.65 -13.44 -20.26
N GLN A 35 5.56 -12.72 -20.53
CA GLN A 35 5.65 -11.41 -21.14
C GLN A 35 5.39 -10.32 -20.13
N TRP A 36 6.05 -10.43 -18.99
CA TRP A 36 5.97 -9.39 -17.97
C TRP A 36 6.44 -8.07 -18.56
N GLN A 37 5.81 -6.98 -18.13
CA GLN A 37 6.15 -5.66 -18.58
C GLN A 37 6.86 -4.81 -17.55
N ASN A 38 6.73 -5.14 -16.27
CA ASN A 38 7.52 -4.53 -15.22
C ASN A 38 8.63 -5.48 -14.82
N GLY A 39 9.61 -4.94 -14.07
CA GLY A 39 10.82 -5.69 -13.78
C GLY A 39 11.61 -6.10 -15.00
N ARG A 40 11.55 -5.29 -16.07
CA ARG A 40 12.24 -5.61 -17.32
C ARG A 40 13.28 -4.53 -17.59
N VAL A 41 14.55 -4.93 -17.61
CA VAL A 41 15.64 -4.00 -17.85
C VAL A 41 16.73 -4.70 -18.63
N HIS A 42 17.36 -3.96 -19.53
CA HIS A 42 18.55 -4.42 -20.21
C HIS A 42 19.77 -4.20 -19.32
N VAL A 43 20.77 -5.08 -19.47
CA VAL A 43 22.01 -4.94 -18.69
C VAL A 43 22.69 -3.60 -18.98
N ASP A 44 22.44 -3.01 -20.15
CA ASP A 44 23.00 -1.69 -20.44
C ASP A 44 22.21 -0.57 -19.78
N GLY A 45 21.17 -0.91 -19.02
CA GLY A 45 20.45 0.08 -18.25
C GLY A 45 19.17 0.55 -18.90
N THR A 46 18.88 0.13 -20.12
CA THR A 46 17.64 0.52 -20.79
C THR A 46 16.46 -0.12 -20.09
N LEU A 47 15.56 0.70 -19.59
CA LEU A 47 14.33 0.18 -19.03
C LEU A 47 13.45 -0.35 -20.14
N LEU A 48 12.93 -1.56 -19.97
CA LEU A 48 12.05 -2.17 -20.94
C LEU A 48 10.60 -2.21 -20.44
N GLY A 49 9.67 -2.33 -21.38
CA GLY A 49 8.26 -2.33 -21.05
C GLY A 49 7.88 -1.08 -20.28
N THR A 50 7.11 -1.28 -19.22
CA THR A 50 6.64 -0.20 -18.37
C THR A 50 7.47 -0.09 -17.09
N THR A 51 8.58 -0.79 -17.03
CA THR A 51 9.39 -0.82 -15.82
C THR A 51 9.78 0.57 -15.35
N PRO A 52 9.51 0.93 -14.11
CA PRO A 52 10.03 2.18 -13.55
C PRO A 52 11.32 1.97 -12.77
N ILE A 53 11.95 3.09 -12.40
CA ILE A 53 13.13 3.05 -11.57
C ILE A 53 12.76 2.76 -10.11
N SER A 54 11.75 3.44 -9.62
CA SER A 54 11.41 3.38 -8.21
C SER A 54 10.46 2.23 -7.95
N GLY A 55 10.78 1.42 -6.94
CA GLY A 55 9.88 0.36 -6.56
C GLY A 55 8.53 0.85 -6.10
N SER A 56 8.44 2.10 -5.63
CA SER A 56 7.14 2.60 -5.19
C SER A 56 6.17 2.79 -6.35
N TRP A 57 6.65 2.80 -7.59
CA TRP A 57 5.78 2.96 -8.74
C TRP A 57 5.13 1.65 -9.22
N VAL A 58 5.62 0.52 -8.71
CA VAL A 58 5.26 -0.79 -9.24
C VAL A 58 3.80 -1.08 -8.90
N SER A 59 3.02 -1.42 -9.92
CA SER A 59 1.63 -1.81 -9.77
C SER A 59 0.77 -0.67 -9.23
N CYS A 60 1.18 0.55 -9.54
CA CYS A 60 0.47 1.76 -9.17
C CYS A 60 0.24 2.60 -10.43
N PHE A 61 -0.53 3.67 -10.27
CA PHE A 61 -0.66 4.67 -11.33
C PHE A 61 -1.05 5.99 -10.70
N ALA A 62 -0.73 7.06 -11.41
CA ALA A 62 -1.10 8.42 -11.04
C ALA A 62 -2.14 8.93 -12.05
N ALA A 63 -3.01 9.81 -11.60
CA ALA A 63 -4.03 10.28 -12.52
C ALA A 63 -4.64 11.58 -12.02
N GLU A 64 -5.22 12.32 -12.96
CA GLU A 64 -6.25 13.28 -12.64
C GLU A 64 -7.56 12.51 -12.60
N ALA A 65 -8.19 12.48 -11.44
CA ALA A 65 -9.38 11.69 -11.20
C ALA A 65 -10.60 12.59 -11.34
N ALA A 66 -11.58 12.10 -12.09
CA ALA A 66 -12.88 12.74 -12.19
C ALA A 66 -13.92 11.76 -11.69
N TYR A 67 -14.79 12.21 -10.79
CA TYR A 67 -15.74 11.32 -10.13
C TYR A 67 -17.16 11.69 -10.53
N LYS A 68 -18.00 10.68 -10.67
CA LYS A 68 -19.40 10.88 -11.01
C LYS A 68 -20.20 9.72 -10.45
N PHE A 69 -21.28 10.02 -9.73
CA PHE A 69 -22.11 8.95 -9.18
C PHE A 69 -22.99 8.36 -10.28
N GLN A 70 -23.13 7.03 -10.27
CA GLN A 70 -23.95 6.32 -11.26
C GLN A 70 -24.80 5.34 -10.47
N SER A 71 -26.08 5.67 -10.33
CA SER A 71 -27.01 4.74 -9.71
C SER A 71 -26.85 3.36 -10.32
N GLY A 72 -26.81 2.35 -9.45
CA GLY A 72 -26.63 0.98 -9.88
C GLY A 72 -25.18 0.57 -9.99
N THR A 73 -24.26 1.53 -10.07
CA THR A 73 -22.84 1.24 -10.00
C THR A 73 -22.19 1.81 -8.76
N GLY A 74 -22.51 3.06 -8.42
CA GLY A 74 -21.85 3.72 -7.31
C GLY A 74 -21.02 4.87 -7.82
N GLU A 75 -19.96 5.18 -7.10
CA GLU A 75 -19.15 6.34 -7.43
C GLU A 75 -18.13 5.86 -8.44
N VAL A 76 -18.15 6.46 -9.63
CA VAL A 76 -17.26 6.06 -10.73
C VAL A 76 -16.12 7.04 -10.86
N ALA A 77 -14.90 6.51 -10.89
CA ALA A 77 -13.70 7.30 -11.11
C ALA A 77 -13.27 7.16 -12.57
N THR A 78 -13.18 8.26 -13.29
CA THR A 78 -12.48 8.29 -14.57
C THR A 78 -11.09 8.84 -14.31
N PHE A 79 -10.08 7.99 -14.51
CA PHE A 79 -8.70 8.32 -14.22
C PHE A 79 -8.01 8.69 -15.53
N THR A 80 -7.64 9.96 -15.69
CA THR A 80 -6.85 10.40 -16.84
C THR A 80 -5.39 10.29 -16.43
N LEU A 81 -4.70 9.30 -16.96
CA LEU A 81 -3.40 8.93 -16.42
C LEU A 81 -2.35 9.99 -16.72
N ILE A 82 -1.44 10.15 -15.75
CA ILE A 82 -0.20 10.90 -15.90
C ILE A 82 0.92 9.96 -15.43
N GLU A 83 2.18 10.35 -15.71
CA GLU A 83 3.25 9.53 -15.15
C GLU A 83 3.35 9.84 -13.64
N GLN A 84 3.92 8.90 -12.89
CA GLN A 84 3.85 9.01 -11.43
C GLN A 84 4.75 10.10 -10.86
N ASP A 85 5.66 10.68 -11.64
CA ASP A 85 6.33 11.90 -11.19
C ASP A 85 5.55 13.16 -11.54
N GLY A 86 4.33 13.03 -12.00
CA GLY A 86 3.53 14.18 -12.34
C GLY A 86 3.68 14.64 -13.77
N SER A 87 4.65 14.10 -14.52
CA SER A 87 4.81 14.50 -15.90
C SER A 87 3.72 13.89 -16.78
N ALA A 88 3.48 14.53 -17.90
CA ALA A 88 2.41 14.12 -18.78
C ALA A 88 2.69 12.75 -19.36
N TYR A 89 1.64 11.93 -19.45
CA TYR A 89 1.76 10.65 -20.13
C TYR A 89 1.66 10.90 -21.63
N VAL A 90 2.61 10.36 -22.37
CA VAL A 90 2.70 10.49 -23.82
C VAL A 90 2.69 9.08 -24.39
N PRO A 91 1.71 8.71 -25.20
CA PRO A 91 1.72 7.36 -25.78
C PRO A 91 2.95 7.17 -26.63
N GLY A 92 3.63 6.04 -26.40
CA GLY A 92 4.78 5.72 -27.22
C GLY A 92 5.01 4.23 -27.34
N ASP A 93 6.26 3.82 -27.14
CA ASP A 93 6.66 2.44 -27.43
C ASP A 93 6.66 1.58 -26.19
N ARG A 94 5.65 1.78 -25.35
CA ARG A 94 5.36 0.87 -24.25
C ARG A 94 3.86 0.88 -23.98
N ALA A 95 3.44 -0.02 -23.11
CA ALA A 95 2.04 -0.38 -22.99
C ALA A 95 1.21 0.63 -22.24
N ALA A 96 1.83 1.48 -21.42
CA ALA A 96 1.10 2.21 -20.41
C ALA A 96 2.07 3.11 -19.67
N PRO A 97 1.59 3.97 -18.79
CA PRO A 97 2.51 4.71 -17.92
C PRO A 97 3.40 3.75 -17.13
N LEU A 98 4.58 4.22 -16.76
CA LEU A 98 5.51 3.38 -16.02
C LEU A 98 4.89 2.89 -14.72
N GLY A 99 5.09 1.61 -14.43
CA GLY A 99 4.64 1.03 -13.20
C GLY A 99 3.25 0.45 -13.27
N TYR A 100 2.51 0.74 -14.34
CA TYR A 100 1.14 0.29 -14.43
C TYR A 100 1.10 -1.23 -14.26
N PRO A 101 0.12 -1.78 -13.55
CA PRO A 101 0.06 -3.23 -13.38
C PRO A 101 0.21 -3.97 -14.71
N ASP A 102 0.94 -5.10 -14.68
CA ASP A 102 1.15 -5.92 -15.87
C ASP A 102 0.58 -7.32 -15.66
N PHE A 103 -0.42 -7.44 -14.82
CA PHE A 103 -1.15 -8.69 -14.62
C PHE A 103 -2.64 -8.40 -14.70
N SER A 104 -3.45 -9.45 -14.57
CA SER A 104 -4.88 -9.36 -14.74
C SER A 104 -5.61 -9.75 -13.46
N GLY A 105 -6.91 -9.60 -13.49
CA GLY A 105 -7.74 -9.74 -12.33
C GLY A 105 -8.41 -8.41 -11.99
N GLN A 106 -9.00 -8.37 -10.80
CA GLN A 106 -9.70 -7.21 -10.29
C GLN A 106 -8.94 -6.67 -9.10
N LEU A 107 -8.48 -5.44 -9.23
CA LEU A 107 -7.60 -4.80 -8.27
C LEU A 107 -8.41 -3.89 -7.35
N GLU A 108 -8.22 -4.00 -6.05
CA GLU A 108 -8.59 -2.92 -5.16
C GLU A 108 -7.45 -1.92 -5.11
N ILE A 109 -7.78 -0.65 -5.30
CA ILE A 109 -6.79 0.42 -5.25
C ILE A 109 -7.23 1.39 -4.18
N GLU A 110 -6.26 2.08 -3.60
CA GLU A 110 -6.51 3.12 -2.60
C GLU A 110 -6.08 4.47 -3.14
N VAL A 111 -6.93 5.47 -2.97
CA VAL A 111 -6.55 6.84 -3.35
C VAL A 111 -7.01 7.79 -2.26
N GLN A 112 -6.28 8.90 -2.14
CA GLN A 112 -6.75 10.05 -1.40
C GLN A 112 -7.97 10.64 -2.07
N THR A 113 -9.00 10.91 -1.27
CA THR A 113 -10.17 11.61 -1.75
C THR A 113 -10.48 12.79 -0.83
N GLU A 114 -11.21 13.74 -1.38
CA GLU A 114 -11.67 14.90 -0.65
C GLU A 114 -13.17 15.00 -0.88
N THR A 115 -13.94 15.13 0.20
CA THR A 115 -15.38 15.22 0.08
C THR A 115 -15.81 16.64 0.44
N THR A 116 -16.99 17.02 -0.05
CA THR A 116 -17.61 18.28 0.33
C THR A 116 -18.59 18.11 1.47
N LYS A 117 -18.80 16.88 1.91
CA LYS A 117 -19.80 16.59 2.92
C LYS A 117 -19.41 17.22 4.25
N THR A 118 -20.44 17.74 4.94
CA THR A 118 -20.28 18.27 6.27
C THR A 118 -19.65 17.25 7.21
N GLY A 119 -18.66 17.70 7.98
CA GLY A 119 -18.12 16.88 9.03
C GLY A 119 -16.92 16.06 8.64
N ASP A 120 -16.55 16.04 7.37
CA ASP A 120 -15.25 15.51 7.02
C ASP A 120 -14.78 16.19 5.73
N LYS A 121 -13.63 15.74 5.28
CA LYS A 121 -12.91 16.43 4.22
C LYS A 121 -12.02 15.40 3.53
N LEU A 122 -10.95 14.98 4.20
CA LEU A 122 -9.97 14.10 3.57
C LEU A 122 -10.12 12.70 4.11
N LYS A 123 -10.15 11.72 3.21
CA LYS A 123 -10.00 10.34 3.65
C LYS A 123 -9.49 9.53 2.48
N VAL A 124 -9.22 8.26 2.75
CA VAL A 124 -8.73 7.33 1.75
C VAL A 124 -9.87 6.41 1.38
N THR A 125 -10.08 6.24 0.08
CA THR A 125 -11.20 5.50 -0.46
C THR A 125 -10.65 4.35 -1.30
N THR A 126 -11.22 3.17 -1.10
CA THR A 126 -10.90 1.98 -1.86
C THR A 126 -11.84 1.86 -3.05
N PHE A 127 -11.26 1.81 -4.24
CA PHE A 127 -11.98 1.59 -5.48
C PHE A 127 -11.66 0.19 -6.01
N GLU A 128 -12.60 -0.38 -6.77
CA GLU A 128 -12.35 -1.62 -7.49
C GLU A 128 -12.12 -1.29 -8.95
N MET A 129 -11.11 -1.92 -9.55
CA MET A 129 -10.72 -1.65 -10.93
C MET A 129 -10.44 -2.96 -11.64
N ILE A 130 -11.16 -3.23 -12.73
CA ILE A 130 -10.87 -4.43 -13.52
C ILE A 130 -9.66 -4.16 -14.41
N LEU A 131 -8.71 -5.08 -14.39
CA LEU A 131 -7.45 -4.93 -15.14
C LEU A 131 -7.46 -5.67 -16.47
N GLY A 132 -7.97 -6.88 -16.47
CA GLY A 132 -7.97 -7.73 -17.63
C GLY A 132 -8.29 -9.13 -17.15
N PRO A 133 -8.05 -10.13 -18.03
CA PRO A 133 -7.37 -10.05 -19.33
C PRO A 133 -8.19 -9.33 -20.37
N THR A 134 -9.45 -9.71 -20.46
CA THR A 134 -10.43 -8.98 -21.24
C THR A 134 -11.47 -8.44 -20.28
N THR A 135 -12.05 -7.29 -20.61
CA THR A 135 -13.01 -6.63 -19.75
C THR A 135 -14.10 -6.02 -20.62
N ASN A 136 -15.21 -5.65 -19.97
CA ASN A 136 -16.22 -4.83 -20.61
C ASN A 136 -16.14 -3.39 -20.14
N ALA A 137 -15.02 -3.01 -19.53
CA ALA A 137 -14.78 -1.66 -19.07
C ALA A 137 -14.04 -0.79 -20.06
N ASP A 138 -13.54 -1.36 -21.16
CA ASP A 138 -12.82 -0.60 -22.18
C ASP A 138 -11.62 0.14 -21.59
N GLN A 139 -10.89 -0.52 -20.70
CA GLN A 139 -9.68 0.06 -20.14
C GLN A 139 -8.69 0.35 -21.24
N ALA A 140 -8.07 1.52 -21.17
CA ALA A 140 -7.14 1.93 -22.21
C ALA A 140 -6.02 2.73 -21.58
N PRO A 141 -5.23 2.12 -20.69
CA PRO A 141 -4.11 2.86 -20.12
C PRO A 141 -3.14 3.34 -21.19
N TYR A 142 -3.05 2.62 -22.32
CA TYR A 142 -2.25 3.10 -23.44
C TYR A 142 -2.71 4.46 -23.93
N GLN A 143 -4.01 4.71 -23.90
CA GLN A 143 -4.59 6.03 -24.19
C GLN A 143 -4.63 6.93 -22.96
N GLY A 144 -4.14 6.47 -21.82
CA GLY A 144 -4.22 7.27 -20.61
C GLY A 144 -5.56 7.35 -19.95
N ARG A 145 -6.43 6.35 -20.11
CA ARG A 145 -7.79 6.38 -19.57
C ARG A 145 -8.19 5.01 -19.02
N VAL A 146 -8.54 4.97 -17.74
CA VAL A 146 -9.04 3.76 -17.09
C VAL A 146 -10.12 4.18 -16.12
N PHE A 147 -10.98 3.23 -15.78
CA PHE A 147 -12.17 3.45 -14.98
C PHE A 147 -12.18 2.54 -13.77
N ALA A 148 -12.68 3.06 -12.65
CA ALA A 148 -12.82 2.27 -11.43
C ALA A 148 -14.10 2.71 -10.75
N SER A 149 -14.55 1.93 -9.78
CA SER A 149 -15.76 2.28 -9.06
C SER A 149 -15.71 1.78 -7.63
N VAL A 150 -16.52 2.44 -6.80
CA VAL A 150 -16.74 1.97 -5.44
C VAL A 150 -18.24 1.95 -5.22
N THR A 151 -18.74 0.86 -4.67
CA THR A 151 -20.16 0.76 -4.37
C THR A 151 -20.57 1.83 -3.35
N ALA A 152 -21.60 2.58 -3.69
CA ALA A 152 -22.10 3.62 -2.82
C ALA A 152 -23.58 3.75 -3.10
N ALA A 153 -24.38 3.90 -2.05
CA ALA A 153 -25.81 4.07 -2.24
C ALA A 153 -26.13 5.46 -2.74
N ALA A 154 -25.38 6.45 -2.29
CA ALA A 154 -25.51 7.81 -2.75
C ALA A 154 -24.12 8.35 -3.02
N SER A 155 -24.06 9.47 -3.73
CA SER A 155 -22.77 10.08 -4.03
C SER A 155 -21.94 10.26 -2.77
N LEU A 156 -20.65 10.00 -2.91
CA LEU A 156 -19.67 10.36 -1.90
C LEU A 156 -19.31 11.84 -1.94
N ASP A 157 -19.80 12.59 -2.91
CA ASP A 157 -19.54 14.02 -3.02
C ASP A 157 -18.04 14.31 -3.02
N LEU A 158 -17.36 13.68 -3.96
CA LEU A 158 -15.91 13.79 -4.09
C LEU A 158 -15.51 14.96 -4.95
N VAL A 159 -14.38 15.57 -4.58
CA VAL A 159 -13.77 16.65 -5.33
C VAL A 159 -12.74 16.06 -6.28
N ASP A 160 -12.89 16.36 -7.58
CA ASP A 160 -11.94 15.93 -8.60
C ASP A 160 -10.54 16.42 -8.28
N GLY A 161 -9.53 15.60 -8.61
CA GLY A 161 -8.17 16.01 -8.34
C GLY A 161 -7.19 14.92 -8.66
N ARG A 162 -5.91 15.22 -8.40
CA ARG A 162 -4.82 14.31 -8.67
C ARG A 162 -4.75 13.22 -7.61
N VAL A 163 -4.47 11.99 -8.04
CA VAL A 163 -4.35 10.84 -7.16
C VAL A 163 -3.13 10.03 -7.53
N ARG A 164 -2.67 9.21 -6.59
CA ARG A 164 -1.81 8.09 -6.90
C ARG A 164 -2.43 6.83 -6.32
N ALA A 165 -2.83 5.94 -7.19
CA ALA A 165 -3.53 4.73 -6.82
C ALA A 165 -2.51 3.66 -6.48
N VAL A 166 -2.60 3.16 -5.25
CA VAL A 166 -1.72 2.07 -4.80
C VAL A 166 -2.56 0.83 -4.60
N PRO A 167 -1.98 -0.35 -4.76
CA PRO A 167 -2.77 -1.59 -4.75
C PRO A 167 -3.02 -2.09 -3.34
N ARG A 168 -4.27 -2.43 -3.07
CA ARG A 168 -4.68 -3.03 -1.80
C ARG A 168 -4.78 -4.54 -1.89
N SER A 169 -5.41 -5.07 -2.93
CA SER A 169 -5.60 -6.51 -3.06
C SER A 169 -5.85 -6.87 -4.51
N ILE A 170 -5.69 -8.13 -4.81
CA ILE A 170 -6.04 -8.68 -6.12
C ILE A 170 -7.09 -9.76 -5.91
N TYR A 171 -8.05 -9.81 -6.82
CA TYR A 171 -9.14 -10.76 -6.86
C TYR A 171 -9.15 -11.39 -8.24
N GLY A 172 -9.11 -12.71 -8.30
CA GLY A 172 -9.06 -13.40 -9.57
C GLY A 172 -7.77 -13.13 -10.33
N PHE A 173 -6.66 -13.05 -9.61
CA PHE A 173 -5.36 -12.86 -10.23
C PHE A 173 -5.13 -13.85 -11.36
N GLN A 174 -4.66 -13.33 -12.49
CA GLN A 174 -4.11 -14.16 -13.56
C GLN A 174 -2.84 -13.49 -14.03
N ASP A 175 -1.75 -14.25 -14.12
CA ASP A 175 -0.48 -13.68 -14.60
C ASP A 175 -0.48 -13.63 -16.12
N THR A 176 -1.28 -12.73 -16.64
CA THR A 176 -1.35 -12.49 -18.06
C THR A 176 -1.58 -11.00 -18.20
N ILE A 177 -1.11 -10.43 -19.31
CA ILE A 177 -1.08 -8.97 -19.40
C ILE A 177 -2.50 -8.42 -19.35
N PRO A 178 -2.69 -7.22 -18.77
CA PRO A 178 -4.01 -6.61 -18.70
C PRO A 178 -4.48 -6.06 -20.03
N GLU A 179 -5.71 -5.53 -20.04
CA GLU A 179 -6.23 -4.80 -21.19
C GLU A 179 -5.54 -3.46 -21.23
N TYR A 180 -4.56 -3.32 -22.11
CA TYR A 180 -3.83 -2.05 -22.21
C TYR A 180 -4.51 -1.06 -23.15
N ASN A 181 -5.28 -1.52 -24.12
CA ASN A 181 -5.87 -0.61 -25.09
C ASN A 181 -7.16 -1.22 -25.65
N ASP A 182 -8.12 -1.47 -24.76
CA ASP A 182 -9.48 -1.81 -25.18
C ASP A 182 -9.49 -3.00 -26.12
N GLY A 183 -8.61 -3.97 -25.87
CA GLY A 183 -8.54 -5.18 -26.64
C GLY A 183 -7.57 -5.17 -27.79
N LEU A 184 -6.96 -4.03 -28.11
CA LEU A 184 -5.97 -3.92 -29.17
C LEU A 184 -4.57 -4.24 -28.67
N LEU A 185 -3.73 -4.70 -29.58
CA LEU A 185 -2.33 -4.92 -29.24
C LEU A 185 -1.61 -3.59 -29.06
N VAL A 186 -0.68 -3.57 -28.13
CA VAL A 186 0.09 -2.38 -27.84
C VAL A 186 1.55 -2.77 -27.96
N PRO A 187 2.47 -1.80 -27.97
CA PRO A 187 3.90 -2.11 -27.86
C PRO A 187 4.22 -2.75 -26.53
N LEU A 188 4.91 -3.88 -26.58
CA LEU A 188 5.22 -4.70 -25.42
C LEU A 188 6.67 -5.10 -25.42
N ALA A 189 7.26 -5.21 -24.23
CA ALA A 189 8.51 -5.96 -24.12
C ALA A 189 8.24 -7.39 -24.55
N PRO A 190 9.18 -8.01 -25.26
CA PRO A 190 8.94 -9.35 -25.77
C PRO A 190 8.84 -10.36 -24.65
N PRO A 191 8.34 -11.55 -24.95
CA PRO A 191 8.42 -12.65 -23.99
C PRO A 191 9.85 -12.86 -23.54
N ILE A 192 9.99 -13.16 -22.24
CA ILE A 192 11.29 -13.43 -21.67
C ILE A 192 11.84 -14.71 -22.28
N GLY A 193 13.10 -14.68 -22.68
CA GLY A 193 13.73 -15.77 -23.39
C GLY A 193 14.53 -15.21 -24.56
N PRO A 194 15.12 -16.10 -25.38
CA PRO A 194 15.06 -17.56 -25.32
C PRO A 194 15.99 -18.18 -24.28
N PHE A 195 15.81 -19.48 -24.06
CA PHE A 195 16.59 -20.27 -23.13
C PHE A 195 17.25 -21.41 -23.89
N LEU A 196 18.49 -21.75 -23.52
CA LEU A 196 19.06 -22.97 -24.04
C LEU A 196 18.26 -24.18 -23.55
N PRO A 197 18.29 -25.28 -24.28
CA PRO A 197 17.70 -26.51 -23.75
C PRO A 197 18.27 -26.79 -22.38
N GLY A 198 17.38 -27.12 -21.45
CA GLY A 198 17.75 -27.37 -20.08
C GLY A 198 17.76 -26.14 -19.19
N GLU A 199 17.65 -24.96 -19.77
CA GLU A 199 17.61 -23.73 -19.01
C GLU A 199 16.17 -23.35 -18.74
N VAL A 200 15.94 -22.86 -17.53
CA VAL A 200 14.65 -22.30 -17.16
C VAL A 200 14.89 -20.97 -16.46
N LEU A 201 13.83 -20.17 -16.43
CA LEU A 201 13.87 -18.86 -15.81
C LEU A 201 14.06 -18.96 -14.32
N LEU A 202 15.03 -18.20 -13.79
CA LEU A 202 15.15 -18.02 -12.35
C LEU A 202 14.14 -16.95 -11.90
N ARG A 203 13.33 -17.30 -10.92
CA ARG A 203 12.21 -16.48 -10.47
C ARG A 203 12.45 -15.89 -9.10
N PHE A 204 12.17 -14.59 -8.97
CA PHE A 204 12.06 -13.91 -7.69
C PHE A 204 10.57 -13.76 -7.34
N ARG A 205 10.18 -14.31 -6.21
CA ARG A 205 8.79 -14.50 -5.88
C ARG A 205 8.38 -13.66 -4.68
N THR A 206 7.20 -13.07 -4.78
CA THR A 206 6.51 -12.51 -3.63
C THR A 206 5.06 -12.98 -3.67
N TYR A 207 4.28 -12.48 -2.73
CA TYR A 207 2.89 -12.89 -2.52
C TYR A 207 1.99 -11.67 -2.39
N MET A 208 0.83 -11.78 -3.02
CA MET A 208 -0.09 -10.65 -3.23
C MET A 208 -1.24 -10.74 -2.24
N ARG A 209 -1.49 -9.66 -1.52
CA ARG A 209 -2.73 -9.54 -0.77
C ARG A 209 -3.89 -9.85 -1.69
N GLN A 210 -4.81 -10.66 -1.21
CA GLN A 210 -5.78 -11.31 -2.07
C GLN A 210 -7.18 -11.28 -1.46
N ILE A 211 -8.16 -11.22 -2.36
CA ILE A 211 -9.52 -11.61 -2.05
C ILE A 211 -9.81 -12.94 -2.74
N ASP A 212 -10.31 -13.89 -1.97
CA ASP A 212 -10.65 -15.22 -2.47
C ASP A 212 -11.65 -15.81 -1.48
N THR A 213 -12.86 -16.10 -1.96
CA THR A 213 -13.92 -16.49 -1.03
C THR A 213 -13.85 -17.95 -0.60
N ALA A 214 -12.98 -18.77 -1.21
CA ALA A 214 -13.02 -20.21 -0.95
C ALA A 214 -11.65 -20.82 -0.69
N ASP A 215 -10.57 -20.23 -1.20
CA ASP A 215 -9.25 -20.82 -1.14
C ASP A 215 -8.29 -19.93 -0.35
N ALA A 216 -7.61 -20.50 0.63
CA ALA A 216 -6.70 -19.75 1.47
C ALA A 216 -5.27 -19.72 0.95
N ALA A 217 -4.97 -20.43 -0.15
CA ALA A 217 -3.61 -20.49 -0.62
C ALA A 217 -3.13 -19.11 -1.07
N ALA A 218 -1.86 -18.85 -0.78
CA ALA A 218 -1.21 -17.60 -1.14
C ALA A 218 -1.12 -17.44 -2.64
N GLU A 219 -1.09 -16.19 -3.08
CA GLU A 219 -1.10 -15.84 -4.50
C GLU A 219 0.32 -15.40 -4.88
N ALA A 220 1.07 -16.29 -5.50
CA ALA A 220 2.44 -16.01 -5.89
C ALA A 220 2.48 -15.14 -7.14
N ILE A 221 3.49 -14.26 -7.19
CA ILE A 221 3.80 -13.52 -8.40
C ILE A 221 5.31 -13.49 -8.53
N ASP A 222 5.81 -13.78 -9.72
CA ASP A 222 7.24 -13.84 -10.00
C ASP A 222 7.68 -12.62 -10.79
N CYS A 223 8.96 -12.31 -10.67
CA CYS A 223 9.60 -11.31 -11.54
C CYS A 223 11.02 -11.78 -11.86
N ALA A 224 11.57 -11.18 -12.89
CA ALA A 224 12.86 -11.62 -13.43
C ALA A 224 14.04 -11.09 -12.63
N LEU A 225 13.90 -9.91 -12.05
CA LEU A 225 14.99 -9.33 -11.29
C LEU A 225 14.36 -8.53 -10.15
N PRO A 226 14.97 -8.50 -8.99
CA PRO A 226 14.53 -7.54 -7.96
C PRO A 226 14.68 -6.12 -8.45
N GLN A 227 13.88 -5.24 -7.87
CA GLN A 227 13.86 -3.84 -8.29
C GLN A 227 15.20 -3.16 -8.08
N GLU A 228 15.94 -3.57 -7.04
CA GLU A 228 17.27 -3.03 -6.81
C GLU A 228 18.22 -3.32 -7.96
N PHE A 229 18.05 -4.45 -8.64
CA PHE A 229 18.83 -4.74 -9.83
C PHE A 229 18.41 -3.84 -10.98
N VAL A 230 17.11 -3.56 -11.11
CA VAL A 230 16.66 -2.64 -12.15
C VAL A 230 17.32 -1.29 -11.98
N SER A 231 17.19 -0.68 -10.79
CA SER A 231 17.72 0.67 -10.61
C SER A 231 19.24 0.66 -10.71
N TRP A 232 19.86 -0.43 -10.31
CA TRP A 232 21.31 -0.55 -10.40
C TRP A 232 21.79 -0.49 -11.84
N PHE A 233 21.15 -1.26 -12.72
CA PHE A 233 21.55 -1.22 -14.13
C PHE A 233 21.19 0.11 -14.75
N ALA A 234 20.03 0.68 -14.39
CA ALA A 234 19.65 1.96 -14.98
C ALA A 234 20.58 3.07 -14.52
N SER A 235 21.05 2.98 -13.29
CA SER A 235 21.98 3.99 -12.79
C SER A 235 23.37 3.82 -13.38
N ASN A 236 23.88 2.58 -13.40
CA ASN A 236 25.26 2.40 -13.83
C ASN A 236 25.43 2.55 -15.34
N ALA A 237 24.43 2.22 -16.13
CA ALA A 237 24.56 2.20 -17.60
C ALA A 237 25.85 1.50 -18.06
N PHE A 238 25.98 0.24 -17.67
CA PHE A 238 27.16 -0.51 -18.07
C PHE A 238 27.23 -0.68 -19.58
N THR A 239 28.46 -0.83 -20.08
CA THR A 239 28.68 -1.13 -21.49
C THR A 239 28.63 -2.65 -21.70
N VAL A 240 27.84 -3.07 -22.70
CA VAL A 240 27.77 -4.47 -23.11
C VAL A 240 29.07 -4.86 -23.80
N GLN A 241 29.66 -5.98 -23.40
CA GLN A 241 30.95 -6.38 -23.93
C GLN A 241 30.95 -7.79 -24.51
N SER A 242 29.82 -8.50 -24.42
CA SER A 242 29.60 -9.76 -25.12
C SER A 242 28.10 -10.06 -25.00
N GLU A 243 27.72 -11.34 -25.03
CA GLU A 243 26.30 -11.69 -25.19
C GLU A 243 25.57 -11.94 -23.87
N ALA A 244 26.27 -12.34 -22.82
CA ALA A 244 25.61 -12.71 -21.57
C ALA A 244 26.63 -12.66 -20.45
N LEU A 245 26.14 -12.79 -19.22
CA LEU A 245 26.98 -12.72 -18.04
C LEU A 245 26.83 -14.00 -17.25
N LEU A 246 27.96 -14.57 -16.86
CA LEU A 246 27.97 -15.73 -15.99
C LEU A 246 27.98 -15.23 -14.55
N LEU A 247 27.04 -15.73 -13.75
CA LEU A 247 26.92 -15.35 -12.35
C LEU A 247 27.09 -16.57 -11.47
N ARG A 248 27.50 -16.32 -10.25
CA ARG A 248 27.51 -17.32 -9.20
C ARG A 248 26.65 -16.81 -8.06
N TYR A 249 25.83 -17.70 -7.51
CA TYR A 249 25.04 -17.40 -6.33
C TYR A 249 25.68 -18.16 -5.17
N ARG A 250 26.14 -17.42 -4.17
CA ARG A 250 27.04 -17.95 -3.16
C ARG A 250 26.58 -17.50 -1.78
N ASN A 251 26.69 -18.38 -0.80
CA ASN A 251 26.60 -17.91 0.58
C ASN A 251 27.92 -17.27 0.97
N THR A 252 27.89 -16.00 1.35
CA THR A 252 29.11 -15.22 1.54
C THR A 252 29.74 -15.44 2.91
N LEU A 253 29.02 -16.06 3.85
CA LEU A 253 29.63 -16.39 5.14
C LEU A 253 30.34 -17.74 5.06
N THR A 254 29.69 -18.73 4.48
CA THR A 254 30.26 -20.07 4.35
C THR A 254 31.10 -20.25 3.10
N GLY A 255 30.91 -19.41 2.08
CA GLY A 255 31.55 -19.58 0.80
C GLY A 255 30.89 -20.60 -0.11
N GLN A 256 29.87 -21.32 0.36
CA GLN A 256 29.21 -22.34 -0.43
C GLN A 256 28.69 -21.76 -1.74
N LEU A 257 29.12 -22.33 -2.86
CA LEU A 257 28.51 -22.04 -4.16
C LEU A 257 27.20 -22.79 -4.23
N LEU A 258 26.10 -22.05 -4.41
CA LEU A 258 24.81 -22.70 -4.52
C LEU A 258 24.49 -23.10 -5.95
N PHE A 259 24.79 -22.23 -6.91
CA PHE A 259 24.67 -22.56 -8.32
C PHE A 259 25.33 -21.46 -9.14
N GLU A 260 25.60 -21.79 -10.39
CA GLU A 260 25.94 -20.77 -11.36
C GLU A 260 24.74 -20.60 -12.30
N CYS A 261 24.64 -19.42 -12.89
CA CYS A 261 23.53 -19.09 -13.75
C CYS A 261 24.00 -18.04 -14.75
N LYS A 262 23.13 -17.75 -15.72
CA LYS A 262 23.43 -16.83 -16.80
C LYS A 262 22.44 -15.68 -16.79
N LEU A 263 22.97 -14.47 -16.69
CA LEU A 263 22.18 -13.26 -16.85
C LEU A 263 22.32 -12.88 -18.31
N TYR A 264 21.30 -13.16 -19.09
CA TYR A 264 21.29 -12.72 -20.47
C TYR A 264 21.19 -11.19 -20.52
N ASN A 265 21.76 -10.62 -21.58
CA ASN A 265 21.81 -9.17 -21.70
C ASN A 265 20.43 -8.54 -21.64
N GLU A 266 19.41 -9.28 -22.08
CA GLU A 266 18.06 -8.75 -22.15
C GLU A 266 17.32 -8.82 -20.80
N GLY A 267 17.99 -9.19 -19.71
CA GLY A 267 17.52 -8.87 -18.38
C GLY A 267 16.92 -10.01 -17.56
N TYR A 268 17.16 -11.26 -17.93
CA TYR A 268 16.60 -12.41 -17.23
C TYR A 268 17.71 -13.40 -16.98
N ILE A 269 17.56 -14.16 -15.90
CA ILE A 269 18.53 -15.13 -15.45
C ILE A 269 18.03 -16.52 -15.80
N ALA A 270 18.89 -17.30 -16.43
CA ALA A 270 18.63 -18.70 -16.71
C ALA A 270 19.46 -19.57 -15.78
N LEU A 271 18.82 -20.60 -15.25
CA LEU A 271 19.47 -21.69 -14.52
C LEU A 271 19.30 -22.97 -15.33
N SER A 272 20.36 -23.79 -15.40
CA SER A 272 20.19 -25.10 -16.00
C SER A 272 19.67 -26.05 -14.93
N TYR A 273 18.44 -26.51 -15.10
CA TYR A 273 17.72 -27.25 -14.08
C TYR A 273 17.10 -28.49 -14.68
N SER A 274 17.48 -29.67 -14.17
CA SER A 274 17.08 -30.94 -14.77
C SER A 274 15.94 -31.63 -14.01
N GLY A 275 15.43 -31.03 -12.93
CA GLY A 275 14.30 -31.63 -12.23
C GLY A 275 12.98 -31.32 -12.90
N SER A 276 11.93 -31.98 -12.43
CA SER A 276 10.61 -31.78 -13.02
C SER A 276 9.71 -30.87 -12.19
N GLY A 277 9.84 -30.90 -10.87
CA GLY A 277 9.06 -30.04 -10.03
C GLY A 277 9.78 -28.76 -9.69
N PRO A 278 9.15 -27.92 -8.88
CA PRO A 278 9.79 -26.70 -8.44
C PRO A 278 10.98 -26.98 -7.54
N LEU A 279 11.92 -26.05 -7.54
CA LEU A 279 13.06 -26.12 -6.64
C LEU A 279 13.33 -24.72 -6.13
N THR A 280 13.26 -24.54 -4.82
CA THR A 280 13.54 -23.26 -4.22
C THR A 280 14.99 -23.22 -3.76
N PHE A 281 15.50 -22.02 -3.60
CA PHE A 281 16.86 -21.77 -3.17
C PHE A 281 16.87 -20.85 -1.97
N PRO A 282 17.91 -20.91 -1.16
CA PRO A 282 18.05 -19.95 -0.07
C PRO A 282 18.11 -18.54 -0.63
N THR A 283 17.53 -17.61 0.11
CA THR A 283 17.42 -16.22 -0.32
C THR A 283 18.43 -15.32 0.36
N ASP A 284 19.38 -15.89 1.10
CA ASP A 284 20.41 -15.11 1.79
C ASP A 284 21.77 -15.27 1.14
N GLY A 285 21.80 -15.65 -0.15
CA GLY A 285 23.02 -15.63 -0.91
C GLY A 285 23.25 -14.29 -1.56
N ILE A 286 24.35 -14.21 -2.29
CA ILE A 286 24.73 -13.04 -3.06
C ILE A 286 25.07 -13.47 -4.47
N PHE A 287 24.51 -12.77 -5.45
CA PHE A 287 24.88 -12.95 -6.84
C PHE A 287 26.15 -12.17 -7.14
N GLU A 288 27.13 -12.84 -7.73
CA GLU A 288 28.39 -12.21 -8.14
C GLU A 288 28.61 -12.46 -9.63
N VAL A 289 29.03 -11.41 -10.34
CA VAL A 289 29.42 -11.53 -11.75
C VAL A 289 30.79 -12.19 -11.85
N VAL A 290 30.89 -13.20 -12.70
CA VAL A 290 32.15 -13.90 -12.96
C VAL A 290 32.80 -13.40 -14.24
N SER A 291 32.05 -13.38 -15.32
CA SER A 291 32.63 -13.26 -16.65
C SER A 291 31.53 -12.98 -17.64
N TRP A 292 31.89 -12.29 -18.72
CA TRP A 292 31.06 -12.29 -19.91
C TRP A 292 31.16 -13.66 -20.56
N VAL A 293 30.05 -14.13 -21.15
CA VAL A 293 30.01 -15.42 -21.83
C VAL A 293 29.12 -15.32 -23.05
N PRO A 294 29.28 -16.26 -23.98
CA PRO A 294 28.36 -16.33 -25.11
C PRO A 294 27.01 -16.90 -24.69
N ARG A 295 26.00 -16.59 -25.50
CA ARG A 295 24.67 -17.15 -25.25
C ARG A 295 24.71 -18.66 -25.18
N LEU A 296 25.56 -19.30 -25.98
CA LEU A 296 25.59 -20.76 -26.03
C LEU A 296 26.38 -21.38 -24.89
N TYR A 297 26.90 -20.58 -23.95
CA TYR A 297 27.65 -21.12 -22.84
C TYR A 297 26.78 -22.10 -22.04
N GLN A 298 27.31 -23.29 -21.82
CA GLN A 298 26.59 -24.37 -21.14
C GLN A 298 26.88 -24.33 -19.63
N LEU A 299 25.82 -24.11 -18.86
CA LEU A 299 25.94 -24.04 -17.41
C LEU A 299 26.01 -25.44 -16.80
N ALA A 300 26.65 -25.52 -15.64
CA ALA A 300 26.54 -26.74 -14.83
C ALA A 300 25.11 -26.85 -14.31
N SER A 301 24.50 -28.03 -14.49
CA SER A 301 23.09 -28.18 -14.19
C SER A 301 22.84 -28.46 -12.71
N VAL A 302 21.74 -27.93 -12.22
CA VAL A 302 21.22 -28.21 -10.89
C VAL A 302 20.17 -29.29 -11.01
N GLY A 303 20.26 -30.32 -10.18
CA GLY A 303 19.35 -31.45 -10.26
C GLY A 303 18.26 -31.40 -9.21
N SER A 304 17.35 -32.37 -9.33
CA SER A 304 16.21 -32.62 -8.43
C SER A 304 16.39 -32.08 -7.01
N MET B 1 36.72 5.66 -4.95
CA MET B 1 36.10 6.94 -4.60
C MET B 1 34.57 6.87 -4.55
N VAL B 2 33.96 7.60 -3.61
CA VAL B 2 32.51 7.59 -3.49
C VAL B 2 31.88 8.18 -4.74
N ASP B 3 30.85 7.51 -5.23
CA ASP B 3 29.97 8.08 -6.21
C ASP B 3 28.53 7.85 -5.73
N LEU B 4 27.60 8.42 -6.48
CA LEU B 4 26.19 8.41 -6.14
C LEU B 4 25.41 7.88 -7.32
N PRO B 5 24.25 7.29 -7.08
CA PRO B 5 23.46 6.80 -8.21
C PRO B 5 23.06 7.96 -9.12
N VAL B 6 23.02 7.67 -10.42
CA VAL B 6 22.64 8.69 -11.39
C VAL B 6 21.14 8.56 -11.57
N ILE B 7 20.41 9.18 -10.64
CA ILE B 7 18.94 9.14 -10.63
C ILE B 7 18.41 10.48 -10.15
N GLN B 8 17.50 11.06 -10.92
CA GLN B 8 16.89 12.31 -10.49
C GLN B 8 16.08 12.08 -9.22
N PRO B 9 16.06 13.04 -8.30
CA PRO B 9 15.21 12.90 -7.10
C PRO B 9 13.75 12.55 -7.38
N ARG B 10 13.15 13.11 -8.43
CA ARG B 10 11.74 12.84 -8.72
C ARG B 10 11.50 11.41 -9.18
N LEU B 11 12.54 10.66 -9.53
CA LEU B 11 12.39 9.26 -9.88
C LEU B 11 12.76 8.34 -8.73
N CYS B 12 13.09 8.92 -7.60
CA CYS B 12 13.53 8.22 -6.42
C CYS B 12 12.37 7.88 -5.47
N THR B 13 12.69 7.04 -4.50
CA THR B 13 11.76 6.51 -3.51
C THR B 13 12.01 7.18 -2.18
N HIS B 14 10.93 7.63 -1.52
CA HIS B 14 11.08 8.21 -0.19
C HIS B 14 11.49 7.15 0.83
N ALA B 15 12.23 7.57 1.84
CA ALA B 15 12.81 6.68 2.83
C ALA B 15 12.05 6.62 4.16
N ARG B 16 10.98 7.42 4.33
CA ARG B 16 10.20 7.36 5.56
C ARG B 16 8.71 7.10 5.34
N TRP B 17 8.21 7.21 4.11
CA TRP B 17 6.84 6.88 3.80
C TRP B 17 6.88 6.27 2.41
N PRO B 18 6.17 5.15 2.17
CA PRO B 18 6.31 4.46 0.88
C PRO B 18 5.60 5.20 -0.25
N ALA B 19 6.34 6.09 -0.89
CA ALA B 19 5.81 6.95 -1.95
C ALA B 19 6.99 7.53 -2.70
N PRO B 20 6.76 8.08 -3.89
CA PRO B 20 7.83 8.80 -4.59
C PRO B 20 8.30 10.03 -3.81
N VAL B 21 9.56 10.40 -4.05
CA VAL B 21 10.02 11.75 -3.71
C VAL B 21 9.37 12.74 -4.66
N TYR B 22 8.73 13.75 -4.10
CA TYR B 22 8.08 14.79 -4.91
C TYR B 22 8.74 16.15 -4.78
N GLY B 23 9.47 16.39 -3.71
CA GLY B 23 9.97 17.72 -3.42
C GLY B 23 11.38 17.66 -2.88
N LEU B 24 12.09 18.74 -3.12
CA LEU B 24 13.47 18.91 -2.66
C LEU B 24 13.55 20.35 -2.17
N LEU B 25 13.86 20.54 -0.89
CA LEU B 25 13.77 21.89 -0.35
C LEU B 25 14.59 22.00 0.93
N VAL B 26 14.81 23.25 1.32
CA VAL B 26 15.28 23.59 2.65
C VAL B 26 14.22 24.49 3.25
N ASP B 27 14.08 24.42 4.57
CA ASP B 27 13.10 25.24 5.28
C ASP B 27 13.63 25.47 6.70
N PRO B 28 14.23 26.63 6.97
CA PRO B 28 14.80 26.87 8.30
C PRO B 28 13.77 27.02 9.39
N SER B 29 12.49 27.06 9.05
CA SER B 29 11.46 27.20 10.07
C SER B 29 11.10 25.86 10.71
N LEU B 30 11.46 24.76 10.08
CA LEU B 30 11.17 23.44 10.62
C LEU B 30 12.26 23.02 11.61
N PRO B 31 11.98 22.03 12.45
CA PRO B 31 13.00 21.52 13.37
C PRO B 31 14.28 21.18 12.64
N SER B 32 15.40 21.71 13.17
CA SER B 32 16.69 21.68 12.48
C SER B 32 17.39 20.33 12.58
N ASN B 33 17.16 19.59 13.66
CA ASN B 33 17.92 18.39 13.98
C ASN B 33 16.96 17.24 14.24
N PRO B 34 16.19 16.83 13.23
CA PRO B 34 15.16 15.81 13.47
C PRO B 34 15.78 14.48 13.84
N GLN B 35 15.04 13.72 14.64
CA GLN B 35 15.53 12.41 15.09
C GLN B 35 14.84 11.28 14.35
N TRP B 36 14.80 11.41 13.03
CA TRP B 36 14.25 10.38 12.17
C TRP B 36 15.01 9.08 12.37
N GLN B 37 14.29 7.97 12.33
CA GLN B 37 14.92 6.66 12.52
C GLN B 37 14.99 5.84 11.24
N ASN B 38 14.17 6.14 10.25
CA ASN B 38 14.30 5.58 8.92
C ASN B 38 14.97 6.59 8.00
N GLY B 39 15.48 6.08 6.89
CA GLY B 39 16.23 6.97 6.01
C GLY B 39 17.53 7.44 6.60
N ARG B 40 18.16 6.65 7.46
CA ARG B 40 19.39 7.01 8.16
C ARG B 40 20.45 6.00 7.78
N VAL B 41 21.48 6.47 7.08
CA VAL B 41 22.59 5.62 6.69
C VAL B 41 23.86 6.43 6.76
N HIS B 42 24.95 5.75 7.12
CA HIS B 42 26.27 6.33 7.02
C HIS B 42 26.82 6.17 5.60
N VAL B 43 27.65 7.11 5.17
CA VAL B 43 28.24 7.02 3.84
C VAL B 43 29.05 5.72 3.68
N ASP B 44 29.58 5.19 4.76
CA ASP B 44 30.28 3.91 4.68
C ASP B 44 29.33 2.72 4.61
N GLY B 45 28.02 2.97 4.50
CA GLY B 45 27.07 1.90 4.29
C GLY B 45 26.42 1.35 5.54
N THR B 46 26.83 1.81 6.72
CA THR B 46 26.22 1.37 7.97
C THR B 46 24.80 1.88 8.06
N LEU B 47 23.83 0.97 8.15
CA LEU B 47 22.47 1.41 8.37
C LEU B 47 22.31 1.91 9.80
N LEU B 48 21.62 3.02 9.98
CA LEU B 48 21.38 3.60 11.29
C LEU B 48 19.90 3.55 11.64
N GLY B 49 19.62 3.63 12.94
CA GLY B 49 18.25 3.53 13.42
C GLY B 49 17.60 2.27 12.92
N THR B 50 16.35 2.40 12.45
CA THR B 50 15.57 1.28 11.97
C THR B 50 15.57 1.21 10.45
N THR B 51 16.45 1.95 9.81
CA THR B 51 16.47 2.02 8.35
C THR B 51 16.59 0.64 7.72
N PRO B 52 15.70 0.26 6.80
CA PRO B 52 15.88 -0.96 6.03
C PRO B 52 16.59 -0.68 4.71
N ILE B 53 17.01 -1.77 4.04
CA ILE B 53 17.53 -1.69 2.68
C ILE B 53 16.39 -1.46 1.69
N SER B 54 15.32 -2.25 1.81
CA SER B 54 14.24 -2.22 0.83
C SER B 54 13.26 -1.09 1.14
N GLY B 55 12.94 -0.30 0.11
CA GLY B 55 11.91 0.71 0.24
C GLY B 55 10.57 0.14 0.67
N SER B 56 10.30 -1.10 0.30
CA SER B 56 8.99 -1.67 0.62
C SER B 56 8.80 -1.90 2.10
N TRP B 57 9.88 -1.92 2.88
CA TRP B 57 9.79 -2.12 4.31
C TRP B 57 9.43 -0.83 5.04
N VAL B 58 9.51 0.31 4.35
CA VAL B 58 9.40 1.61 5.00
C VAL B 58 7.98 1.84 5.52
N SER B 59 7.88 2.14 6.82
CA SER B 59 6.62 2.44 7.49
C SER B 59 5.69 1.23 7.49
N CYS B 60 6.27 0.04 7.46
CA CYS B 60 5.54 -1.21 7.46
C CYS B 60 6.00 -2.05 8.66
N PHE B 61 5.31 -3.17 8.90
CA PHE B 61 5.85 -4.15 9.81
C PHE B 61 5.30 -5.53 9.50
N ALA B 62 6.00 -6.54 9.99
CA ALA B 62 5.62 -7.93 9.83
C ALA B 62 5.35 -8.50 11.21
N ALA B 63 4.40 -9.43 11.26
CA ALA B 63 4.04 -9.96 12.57
C ALA B 63 3.33 -11.28 12.45
N GLU B 64 3.37 -12.03 13.54
CA GLU B 64 2.39 -13.08 13.79
C GLU B 64 1.22 -12.35 14.44
N ALA B 65 0.09 -12.32 13.76
CA ALA B 65 -1.11 -11.68 14.26
C ALA B 65 -2.02 -12.65 15.00
N ALA B 66 -2.50 -12.21 16.15
CA ALA B 66 -3.52 -12.92 16.93
C ALA B 66 -4.68 -11.98 17.14
N TYR B 67 -5.88 -12.49 16.90
CA TYR B 67 -7.08 -11.69 16.88
C TYR B 67 -8.04 -12.13 17.97
N LYS B 68 -8.70 -11.16 18.58
CA LYS B 68 -9.72 -11.46 19.57
C LYS B 68 -10.78 -10.39 19.51
N PHE B 69 -12.03 -10.80 19.48
CA PHE B 69 -13.12 -9.85 19.50
C PHE B 69 -13.29 -9.31 20.91
N GLN B 70 -13.40 -7.98 21.02
CA GLN B 70 -13.60 -7.29 22.28
C GLN B 70 -14.83 -6.40 22.14
N SER B 71 -15.95 -6.84 22.71
CA SER B 71 -17.19 -6.08 22.60
C SER B 71 -16.96 -4.62 23.00
N GLY B 72 -17.41 -3.70 22.14
CA GLY B 72 -17.24 -2.28 22.40
C GLY B 72 -15.94 -1.71 21.85
N THR B 73 -15.00 -2.54 21.45
CA THR B 73 -13.84 -2.10 20.69
C THR B 73 -13.85 -2.66 19.28
N GLY B 74 -14.24 -3.91 19.12
CA GLY B 74 -14.20 -4.56 17.84
C GLY B 74 -13.21 -5.68 17.89
N GLU B 75 -12.65 -5.99 16.73
CA GLU B 75 -11.67 -7.07 16.61
C GLU B 75 -10.31 -6.47 16.94
N VAL B 76 -9.63 -7.06 17.91
CA VAL B 76 -8.37 -6.55 18.40
C VAL B 76 -7.25 -7.45 17.91
N ALA B 77 -6.20 -6.85 17.38
CA ALA B 77 -5.04 -7.59 16.93
C ALA B 77 -3.89 -7.36 17.91
N THR B 78 -3.30 -8.45 18.36
CA THR B 78 -2.02 -8.43 19.06
C THR B 78 -0.98 -8.91 18.07
N PHE B 79 -0.04 -8.03 17.73
CA PHE B 79 0.97 -8.30 16.74
C PHE B 79 2.27 -8.63 17.44
N THR B 80 2.77 -9.82 17.20
CA THR B 80 4.09 -10.21 17.67
C THR B 80 5.04 -10.00 16.51
N LEU B 81 5.84 -8.95 16.62
CA LEU B 81 6.60 -8.46 15.49
C LEU B 81 7.72 -9.42 15.14
N ILE B 82 7.98 -9.52 13.84
CA ILE B 82 9.16 -10.17 13.31
C ILE B 82 9.80 -9.18 12.34
N GLU B 83 11.01 -9.49 11.88
CA GLU B 83 11.59 -8.66 10.84
C GLU B 83 10.87 -8.99 9.54
N GLN B 84 10.88 -8.04 8.60
CA GLN B 84 10.00 -8.19 7.45
C GLN B 84 10.51 -9.22 6.44
N ASP B 85 11.71 -9.75 6.62
CA ASP B 85 12.16 -10.91 5.85
C ASP B 85 11.79 -12.21 6.51
N GLY B 86 11.01 -12.16 7.58
CA GLY B 86 10.60 -13.37 8.26
C GLY B 86 11.52 -13.81 9.39
N SER B 87 12.72 -13.24 9.50
CA SER B 87 13.58 -13.65 10.60
C SER B 87 13.05 -13.07 11.93
N ALA B 88 13.47 -13.69 13.02
CA ALA B 88 12.98 -13.28 14.34
C ALA B 88 13.45 -11.88 14.66
N TYR B 89 12.56 -11.09 15.26
CA TYR B 89 12.96 -9.80 15.79
C TYR B 89 13.44 -10.00 17.21
N VAL B 90 14.60 -9.44 17.50
CA VAL B 90 15.24 -9.50 18.81
C VAL B 90 15.50 -8.06 19.25
N PRO B 91 15.00 -7.63 20.42
CA PRO B 91 15.34 -6.29 20.93
C PRO B 91 16.84 -6.09 21.00
N GLY B 92 17.31 -4.95 20.51
CA GLY B 92 18.73 -4.72 20.42
C GLY B 92 19.03 -3.25 20.39
N ASP B 93 19.96 -2.84 19.52
CA ASP B 93 20.51 -1.50 19.49
C ASP B 93 19.78 -0.58 18.55
N ARG B 94 18.47 -0.78 18.36
CA ARG B 94 17.64 0.14 17.61
C ARG B 94 16.24 0.08 18.21
N ALA B 95 15.38 0.99 17.75
CA ALA B 95 14.11 1.24 18.43
C ALA B 95 13.03 0.17 18.16
N ALA B 96 13.14 -0.60 17.08
CA ALA B 96 12.03 -1.38 16.59
C ALA B 96 12.54 -2.23 15.44
N PRO B 97 11.70 -3.09 14.87
CA PRO B 97 12.11 -3.80 13.65
C PRO B 97 12.42 -2.82 12.54
N LEU B 98 13.21 -3.29 11.58
CA LEU B 98 13.57 -2.44 10.46
C LEU B 98 12.32 -1.97 9.73
N GLY B 99 12.30 -0.69 9.39
CA GLY B 99 11.21 -0.11 8.65
C GLY B 99 10.03 0.36 9.49
N TYR B 100 10.00 0.03 10.77
CA TYR B 100 8.84 0.39 11.59
C TYR B 100 8.63 1.91 11.57
N PRO B 101 7.39 2.38 11.54
CA PRO B 101 7.14 3.82 11.44
C PRO B 101 7.94 4.59 12.49
N ASP B 102 8.47 5.75 12.08
CA ASP B 102 9.28 6.60 12.96
C ASP B 102 8.64 7.96 13.17
N PHE B 103 7.30 8.00 13.07
CA PHE B 103 6.50 9.20 13.27
C PHE B 103 5.28 8.80 14.08
N SER B 104 4.47 9.80 14.43
CA SER B 104 3.34 9.63 15.34
C SER B 104 2.03 9.97 14.64
N GLY B 105 0.94 9.71 15.36
CA GLY B 105 -0.39 9.77 14.83
C GLY B 105 -1.06 8.42 14.93
N GLN B 106 -2.21 8.32 14.27
CA GLN B 106 -3.02 7.11 14.21
C GLN B 106 -2.98 6.61 12.77
N LEU B 107 -2.47 5.41 12.61
CA LEU B 107 -2.21 4.84 11.29
C LEU B 107 -3.30 3.84 10.94
N GLU B 108 -3.86 3.96 9.74
CA GLU B 108 -4.60 2.85 9.16
C GLU B 108 -3.60 1.93 8.50
N ILE B 109 -3.70 0.63 8.81
CA ILE B 109 -2.84 -0.40 8.23
C ILE B 109 -3.73 -1.41 7.54
N GLU B 110 -3.22 -2.00 6.47
CA GLU B 110 -3.89 -3.08 5.77
C GLU B 110 -3.13 -4.37 5.97
N VAL B 111 -3.86 -5.44 6.25
CA VAL B 111 -3.26 -6.77 6.36
C VAL B 111 -4.15 -7.77 5.67
N GLN B 112 -3.51 -8.83 5.19
CA GLN B 112 -4.26 -9.98 4.74
C GLN B 112 -4.95 -10.63 5.93
N THR B 113 -6.22 -11.00 5.77
CA THR B 113 -6.89 -11.78 6.80
C THR B 113 -7.58 -12.99 6.17
N GLU B 114 -7.88 -13.95 7.03
CA GLU B 114 -8.59 -15.17 6.67
C GLU B 114 -9.71 -15.36 7.70
N THR B 115 -10.92 -15.61 7.23
CA THR B 115 -12.07 -15.83 8.10
C THR B 115 -12.58 -17.24 7.95
N THR B 116 -13.20 -17.74 9.02
CA THR B 116 -13.91 -19.02 8.96
C THR B 116 -15.36 -18.85 8.57
N LYS B 117 -15.80 -17.62 8.36
CA LYS B 117 -17.20 -17.38 8.02
C LYS B 117 -17.58 -18.04 6.71
N THR B 118 -18.74 -18.67 6.71
CA THR B 118 -19.29 -19.27 5.51
C THR B 118 -19.40 -18.25 4.39
N GLY B 119 -18.91 -18.63 3.21
CA GLY B 119 -19.06 -17.80 2.03
C GLY B 119 -17.89 -16.90 1.72
N ASP B 120 -16.89 -16.81 2.59
CA ASP B 120 -15.66 -16.19 2.14
C ASP B 120 -14.52 -16.79 2.94
N LYS B 121 -13.33 -16.28 2.68
CA LYS B 121 -12.11 -16.87 3.21
C LYS B 121 -11.06 -15.77 3.33
N LEU B 122 -10.53 -15.31 2.21
CA LEU B 122 -9.44 -14.33 2.21
C LEU B 122 -9.98 -12.96 1.86
N LYS B 123 -9.62 -11.97 2.65
CA LYS B 123 -9.84 -10.58 2.29
C LYS B 123 -8.74 -9.76 2.93
N VAL B 124 -8.72 -8.48 2.62
CA VAL B 124 -7.80 -7.52 3.23
C VAL B 124 -8.62 -6.66 4.19
N THR B 125 -8.14 -6.57 5.43
CA THR B 125 -8.80 -5.82 6.48
C THR B 125 -7.96 -4.63 6.89
N THR B 126 -8.62 -3.48 7.05
CA THR B 126 -7.97 -2.26 7.51
C THR B 126 -8.11 -2.17 9.03
N PHE B 127 -6.99 -2.08 9.72
CA PHE B 127 -6.96 -1.85 11.16
C PHE B 127 -6.51 -0.43 11.43
N GLU B 128 -6.89 0.08 12.61
CA GLU B 128 -6.36 1.33 13.13
C GLU B 128 -5.34 1.04 14.23
N MET B 129 -4.21 1.75 14.19
CA MET B 129 -3.14 1.55 15.15
C MET B 129 -2.59 2.89 15.61
N ILE B 130 -2.63 3.14 16.91
CA ILE B 130 -2.05 4.36 17.43
C ILE B 130 -0.56 4.15 17.54
N LEU B 131 0.20 5.12 17.00
CA LEU B 131 1.65 5.04 16.98
C LEU B 131 2.26 5.76 18.18
N GLY B 132 1.76 6.97 18.46
CA GLY B 132 2.36 7.87 19.40
C GLY B 132 1.74 9.24 19.25
N PRO B 133 2.36 10.28 19.86
CA PRO B 133 3.67 10.23 20.54
C PRO B 133 3.62 9.47 21.86
N THR B 134 2.57 9.72 22.63
CA THR B 134 2.27 8.93 23.81
C THR B 134 0.93 8.29 23.57
N THR B 135 0.68 7.15 24.19
CA THR B 135 -0.59 6.47 23.96
C THR B 135 -1.05 5.79 25.25
N ASN B 136 -2.26 5.28 25.20
CA ASN B 136 -2.75 4.42 26.27
C ASN B 136 -2.87 2.99 25.78
N ALA B 137 -2.25 2.68 24.64
CA ALA B 137 -2.22 1.33 24.12
C ALA B 137 -0.98 0.56 24.55
N ASP B 138 -0.04 1.20 25.22
CA ASP B 138 1.16 0.53 25.72
C ASP B 138 1.91 -0.14 24.59
N GLN B 139 2.02 0.55 23.47
CA GLN B 139 2.76 0.03 22.33
C GLN B 139 4.22 -0.20 22.70
N ALA B 140 4.77 -1.32 22.24
CA ALA B 140 6.15 -1.65 22.52
C ALA B 140 6.79 -2.37 21.33
N PRO B 141 6.91 -1.72 20.19
CA PRO B 141 7.60 -2.36 19.07
C PRO B 141 9.03 -2.76 19.42
N TYR B 142 9.66 -2.03 20.35
CA TYR B 142 10.98 -2.43 20.79
C TYR B 142 10.98 -3.82 21.39
N GLN B 143 9.89 -4.17 22.07
CA GLN B 143 9.68 -5.51 22.60
C GLN B 143 8.96 -6.41 21.62
N GLY B 144 8.75 -5.97 20.39
CA GLY B 144 8.06 -6.77 19.40
C GLY B 144 6.56 -6.94 19.64
N ARG B 145 5.92 -5.98 20.29
CA ARG B 145 4.52 -6.13 20.70
C ARG B 145 3.78 -4.84 20.43
N VAL B 146 2.79 -4.88 19.54
CA VAL B 146 1.92 -3.74 19.26
C VAL B 146 0.49 -4.23 19.08
N PHE B 147 -0.44 -3.28 19.25
CA PHE B 147 -1.87 -3.57 19.25
C PHE B 147 -2.59 -2.70 18.24
N ALA B 148 -3.56 -3.28 17.55
CA ALA B 148 -4.41 -2.55 16.61
C ALA B 148 -5.84 -3.03 16.76
N SER B 149 -6.78 -2.35 16.11
CA SER B 149 -8.17 -2.77 16.21
C SER B 149 -8.95 -2.33 14.99
N VAL B 150 -10.07 -3.02 14.78
CA VAL B 150 -11.00 -2.67 13.73
C VAL B 150 -12.42 -2.72 14.31
N THR B 151 -13.17 -1.67 14.08
CA THR B 151 -14.56 -1.62 14.52
C THR B 151 -15.31 -2.80 13.97
N ALA B 152 -16.06 -3.50 14.83
CA ALA B 152 -16.90 -4.60 14.39
C ALA B 152 -18.01 -4.80 15.41
N ALA B 153 -19.25 -4.89 14.92
CA ALA B 153 -20.38 -5.16 15.81
C ALA B 153 -20.29 -6.54 16.43
N ALA B 154 -19.63 -7.46 15.74
CA ALA B 154 -19.44 -8.81 16.22
C ALA B 154 -18.17 -9.36 15.59
N SER B 155 -17.78 -10.54 16.05
CA SER B 155 -16.51 -11.12 15.66
C SER B 155 -16.40 -11.26 14.15
N LEU B 156 -15.22 -10.98 13.63
CA LEU B 156 -14.94 -11.22 12.22
C LEU B 156 -14.54 -12.66 11.96
N ASP B 157 -14.32 -13.45 13.01
CA ASP B 157 -13.98 -14.86 12.91
C ASP B 157 -12.68 -15.05 12.13
N LEU B 158 -11.67 -14.29 12.53
CA LEU B 158 -10.37 -14.33 11.86
C LEU B 158 -9.52 -15.48 12.35
N VAL B 159 -8.67 -15.94 11.44
CA VAL B 159 -7.71 -17.00 11.71
C VAL B 159 -6.37 -16.33 11.95
N ASP B 160 -5.75 -16.66 13.07
CA ASP B 160 -4.46 -16.09 13.43
C ASP B 160 -3.41 -16.51 12.40
N GLY B 161 -2.46 -15.63 12.15
CA GLY B 161 -1.44 -15.95 11.16
C GLY B 161 -0.51 -14.79 10.91
N ARG B 162 0.47 -15.07 10.04
CA ARG B 162 1.47 -14.09 9.68
C ARG B 162 0.90 -13.01 8.75
N VAL B 163 1.25 -11.76 9.03
CA VAL B 163 0.84 -10.61 8.24
C VAL B 163 2.06 -9.73 7.94
N ARG B 164 1.91 -8.89 6.92
CA ARG B 164 2.75 -7.69 6.76
C ARG B 164 1.82 -6.50 6.65
N ALA B 165 1.84 -5.65 7.66
CA ALA B 165 1.00 -4.46 7.69
C ALA B 165 1.62 -3.35 6.87
N VAL B 166 0.85 -2.83 5.91
CA VAL B 166 1.31 -1.72 5.10
C VAL B 166 0.42 -0.51 5.37
N PRO B 167 0.93 0.70 5.19
CA PRO B 167 0.19 1.89 5.64
C PRO B 167 -0.82 2.37 4.61
N ARG B 168 -2.04 2.56 5.07
CA ARG B 168 -3.11 3.09 4.21
C ARG B 168 -3.22 4.61 4.35
N SER B 169 -3.14 5.13 5.56
CA SER B 169 -3.41 6.53 5.83
C SER B 169 -2.85 6.89 7.21
N ILE B 170 -2.65 8.19 7.42
CA ILE B 170 -2.24 8.72 8.72
C ILE B 170 -3.28 9.75 9.15
N TYR B 171 -3.58 9.75 10.44
CA TYR B 171 -4.54 10.66 11.06
C TYR B 171 -3.84 11.30 12.24
N GLY B 172 -3.85 12.62 12.29
CA GLY B 172 -3.15 13.30 13.35
C GLY B 172 -1.63 13.17 13.25
N PHE B 173 -1.10 13.11 12.04
CA PHE B 173 0.33 13.02 11.86
C PHE B 173 1.07 14.02 12.73
N GLN B 174 2.09 13.52 13.44
CA GLN B 174 3.10 14.38 14.05
C GLN B 174 4.46 13.81 13.71
N ASP B 175 5.36 14.65 13.22
CA ASP B 175 6.73 14.20 12.92
C ASP B 175 7.57 14.20 14.20
N THR B 176 7.21 13.30 15.09
CA THR B 176 7.94 13.07 16.31
C THR B 176 7.92 11.56 16.56
N ILE B 177 9.00 11.05 17.17
CA ILE B 177 9.12 9.59 17.23
C ILE B 177 7.92 8.99 17.97
N PRO B 178 7.48 7.81 17.60
CA PRO B 178 6.34 7.18 18.24
C PRO B 178 6.70 6.53 19.57
N GLU B 179 5.70 5.88 20.15
CA GLU B 179 5.91 5.14 21.39
C GLU B 179 6.58 3.81 21.06
N TYR B 180 7.89 3.75 21.28
CA TYR B 180 8.64 2.56 20.93
C TYR B 180 8.66 1.51 22.04
N ASN B 181 8.45 1.90 23.29
CA ASN B 181 8.68 0.98 24.40
C ASN B 181 7.86 1.36 25.62
N ASP B 182 6.56 1.56 25.41
CA ASP B 182 5.62 1.84 26.50
C ASP B 182 6.11 2.96 27.42
N GLY B 183 6.64 4.01 26.82
CA GLY B 183 7.07 5.17 27.57
C GLY B 183 8.52 5.14 27.96
N LEU B 184 9.20 4.01 27.80
CA LEU B 184 10.60 3.92 28.19
C LEU B 184 11.50 4.33 27.03
N LEU B 185 12.73 4.67 27.36
CA LEU B 185 13.73 4.98 26.35
C LEU B 185 14.09 3.73 25.56
N VAL B 186 14.55 3.96 24.33
CA VAL B 186 15.13 2.92 23.48
C VAL B 186 16.36 3.49 22.82
N PRO B 187 17.22 2.62 22.27
CA PRO B 187 18.35 3.10 21.47
C PRO B 187 17.84 3.75 20.19
N LEU B 188 18.39 4.93 19.89
CA LEU B 188 17.97 5.75 18.77
C LEU B 188 19.16 6.22 17.94
N ALA B 189 18.95 6.34 16.64
CA ALA B 189 19.84 7.17 15.86
C ALA B 189 19.79 8.60 16.40
N PRO B 190 20.93 9.26 16.57
CA PRO B 190 20.95 10.58 17.14
C PRO B 190 20.24 11.60 16.26
N PRO B 191 19.92 12.77 16.81
CA PRO B 191 19.40 13.85 15.98
C PRO B 191 20.32 14.15 14.80
N ILE B 192 19.71 14.46 13.67
CA ILE B 192 20.48 14.81 12.49
C ILE B 192 21.20 16.11 12.75
N GLY B 193 22.48 16.15 12.40
CA GLY B 193 23.36 17.25 12.76
C GLY B 193 24.72 16.73 13.17
N PRO B 194 25.65 17.63 13.51
CA PRO B 194 25.47 19.09 13.53
C PRO B 194 25.62 19.79 12.17
N PHE B 195 25.21 21.04 12.14
CA PHE B 195 25.36 21.92 10.98
C PHE B 195 26.30 23.08 11.33
N LEU B 196 27.10 23.52 10.36
CA LEU B 196 27.82 24.76 10.51
C LEU B 196 26.85 25.92 10.63
N PRO B 197 27.28 27.03 11.21
CA PRO B 197 26.45 28.24 11.16
C PRO B 197 26.03 28.55 9.73
N GLY B 198 24.74 28.82 9.57
CA GLY B 198 24.21 29.11 8.25
C GLY B 198 23.91 27.89 7.39
N GLU B 199 24.24 26.68 7.84
CA GLU B 199 23.85 25.48 7.12
C GLU B 199 22.48 24.99 7.60
N VAL B 200 21.73 24.39 6.66
CA VAL B 200 20.43 23.82 6.96
C VAL B 200 20.30 22.50 6.24
N LEU B 201 19.41 21.67 6.78
CA LEU B 201 19.18 20.33 6.27
C LEU B 201 18.49 20.38 4.91
N LEU B 202 19.01 19.64 3.96
CA LEU B 202 18.30 19.41 2.71
C LEU B 202 17.25 18.32 2.94
N ARG B 203 16.03 18.58 2.49
CA ARG B 203 14.90 17.68 2.72
C ARG B 203 14.38 17.09 1.42
N PHE B 204 14.18 15.77 1.42
CA PHE B 204 13.47 15.10 0.35
C PHE B 204 12.04 14.85 0.83
N ARG B 205 11.06 15.38 0.10
CA ARG B 205 9.69 15.45 0.58
C ARG B 205 8.75 14.56 -0.23
N THR B 206 7.85 13.90 0.47
CA THR B 206 6.68 13.25 -0.13
C THR B 206 5.46 13.64 0.67
N TYR B 207 4.31 13.09 0.30
CA TYR B 207 3.05 13.43 0.94
C TYR B 207 2.30 12.15 1.28
N MET B 208 1.65 12.19 2.42
CA MET B 208 1.08 11.01 3.06
C MET B 208 -0.43 11.01 2.85
N ARG B 209 -0.98 9.90 2.37
CA ARG B 209 -2.42 9.74 2.42
C ARG B 209 -2.91 9.98 3.84
N GLN B 210 -4.01 10.70 3.95
CA GLN B 210 -4.41 11.32 5.20
C GLN B 210 -5.91 11.22 5.44
N ILE B 211 -6.28 11.10 6.71
CA ILE B 211 -7.63 11.39 7.20
C ILE B 211 -7.55 12.71 7.96
N ASP B 212 -8.44 13.63 7.61
CA ASP B 212 -8.52 14.95 8.24
C ASP B 212 -9.92 15.48 7.97
N THR B 213 -10.70 15.66 9.02
CA THR B 213 -12.11 15.95 8.80
C THR B 213 -12.38 17.41 8.46
N ALA B 214 -11.37 18.28 8.52
CA ALA B 214 -11.60 19.71 8.33
C ALA B 214 -10.66 20.40 7.34
N ASP B 215 -9.41 19.93 7.23
CA ASP B 215 -8.36 20.63 6.49
C ASP B 215 -7.90 19.79 5.31
N ALA B 216 -7.91 20.37 4.11
CA ALA B 216 -7.56 19.62 2.92
C ALA B 216 -6.07 19.69 2.58
N ALA B 217 -5.29 20.42 3.38
CA ALA B 217 -3.86 20.60 3.10
C ALA B 217 -3.13 19.27 3.13
N ALA B 218 -2.20 19.11 2.19
CA ALA B 218 -1.38 17.90 2.10
C ALA B 218 -0.49 17.73 3.31
N GLU B 219 -0.22 16.46 3.65
CA GLU B 219 0.64 16.11 4.79
C GLU B 219 2.03 15.78 4.28
N ALA B 220 2.94 16.72 4.44
CA ALA B 220 4.33 16.54 4.04
C ALA B 220 5.10 15.70 5.05
N ILE B 221 6.01 14.88 4.54
CA ILE B 221 6.99 14.22 5.39
C ILE B 221 8.33 14.27 4.67
N ASP B 222 9.38 14.59 5.43
CA ASP B 222 10.72 14.80 4.90
C ASP B 222 11.61 13.64 5.30
N CYS B 223 12.61 13.39 4.48
CA CYS B 223 13.68 12.47 4.85
C CYS B 223 15.01 13.04 4.37
N ALA B 224 16.10 12.51 4.94
CA ALA B 224 17.43 13.06 4.72
C ALA B 224 18.04 12.61 3.39
N LEU B 225 17.63 11.44 2.88
CA LEU B 225 18.17 10.85 1.67
C LEU B 225 17.11 9.98 1.04
N PRO B 226 17.04 9.92 -0.29
CA PRO B 226 16.16 8.93 -0.94
C PRO B 226 16.61 7.52 -0.59
N GLN B 227 15.65 6.59 -0.61
CA GLN B 227 15.93 5.19 -0.31
C GLN B 227 17.00 4.60 -1.24
N GLU B 228 17.05 5.05 -2.49
CA GLU B 228 18.07 4.54 -3.42
C GLU B 228 19.47 4.89 -2.94
N PHE B 229 19.63 6.01 -2.24
CA PHE B 229 20.94 6.34 -1.68
C PHE B 229 21.29 5.42 -0.52
N VAL B 230 20.29 5.07 0.30
CA VAL B 230 20.52 4.11 1.38
C VAL B 230 21.08 2.81 0.84
N SER B 231 20.38 2.20 -0.15
CA SER B 231 20.83 0.89 -0.63
C SER B 231 22.15 0.99 -1.38
N TRP B 232 22.35 2.11 -2.08
CA TRP B 232 23.63 2.40 -2.72
C TRP B 232 24.78 2.33 -1.72
N PHE B 233 24.68 3.11 -0.63
CA PHE B 233 25.76 3.10 0.35
C PHE B 233 25.89 1.74 1.01
N ALA B 234 24.77 1.10 1.33
CA ALA B 234 24.83 -0.19 1.99
C ALA B 234 25.51 -1.24 1.10
N SER B 235 25.27 -1.17 -0.22
CA SER B 235 25.88 -2.11 -1.15
C SER B 235 27.37 -1.84 -1.34
N ASN B 236 27.73 -0.58 -1.54
CA ASN B 236 29.08 -0.23 -1.96
C ASN B 236 30.08 -0.28 -0.81
N ALA B 237 29.64 -0.03 0.41
CA ALA B 237 30.54 0.00 1.57
C ALA B 237 31.81 0.78 1.26
N PHE B 238 31.62 2.03 0.86
CA PHE B 238 32.76 2.87 0.56
C PHE B 238 33.62 3.10 1.80
N THR B 239 34.89 3.46 1.57
CA THR B 239 35.77 3.93 2.62
C THR B 239 35.74 5.44 2.64
N VAL B 240 35.53 6.02 3.83
CA VAL B 240 35.44 7.48 3.94
C VAL B 240 36.83 8.05 4.22
N GLN B 241 37.14 9.15 3.55
CA GLN B 241 38.48 9.72 3.58
C GLN B 241 38.55 11.09 4.27
N SER B 242 37.41 11.64 4.64
CA SER B 242 37.34 12.91 5.37
C SER B 242 35.95 12.94 6.00
N GLU B 243 35.53 14.13 6.46
CA GLU B 243 34.31 14.22 7.24
C GLU B 243 33.06 14.50 6.40
N ALA B 244 33.20 14.90 5.13
CA ALA B 244 32.05 15.22 4.32
C ALA B 244 32.43 15.12 2.85
N LEU B 245 31.40 15.12 2.01
CA LEU B 245 31.55 15.12 0.56
C LEU B 245 30.94 16.40 0.04
N LEU B 246 31.68 17.09 -0.81
CA LEU B 246 31.15 18.23 -1.55
C LEU B 246 30.39 17.68 -2.75
N LEU B 247 29.11 18.05 -2.86
CA LEU B 247 28.29 17.64 -3.99
C LEU B 247 27.85 18.87 -4.77
N ARG B 248 27.61 18.64 -6.06
CA ARG B 248 26.93 19.61 -6.90
C ARG B 248 25.64 18.99 -7.39
N TYR B 249 24.57 19.77 -7.32
CA TYR B 249 23.28 19.35 -7.84
C TYR B 249 23.07 20.14 -9.13
N ARG B 250 23.03 19.42 -10.25
CA ARG B 250 23.14 20.00 -11.58
C ARG B 250 22.05 19.44 -12.49
N ASN B 251 21.54 20.28 -13.39
CA ASN B 251 20.78 19.76 -14.51
C ASN B 251 21.75 19.19 -15.52
N THR B 252 21.63 17.89 -15.83
CA THR B 252 22.62 17.25 -16.72
C THR B 252 22.34 17.54 -18.19
N LEU B 253 21.15 17.99 -18.52
CA LEU B 253 20.83 18.36 -19.90
C LEU B 253 21.21 19.80 -20.21
N THR B 254 21.21 20.67 -19.20
CA THR B 254 21.55 22.07 -19.34
C THR B 254 22.97 22.40 -18.92
N GLY B 255 23.56 21.59 -18.04
CA GLY B 255 24.77 21.96 -17.35
C GLY B 255 24.57 22.94 -16.19
N GLN B 256 23.37 23.49 -16.02
CA GLN B 256 23.16 24.50 -14.99
C GLN B 256 23.43 23.91 -13.60
N LEU B 257 24.38 24.49 -12.88
CA LEU B 257 24.56 24.17 -11.47
C LEU B 257 23.45 24.84 -10.67
N LEU B 258 22.71 24.05 -9.90
CA LEU B 258 21.63 24.62 -9.11
C LEU B 258 22.10 24.97 -7.70
N PHE B 259 22.92 24.12 -7.09
CA PHE B 259 23.57 24.47 -5.84
C PHE B 259 24.69 23.48 -5.58
N GLU B 260 25.56 23.85 -4.67
CA GLU B 260 26.50 22.91 -4.07
C GLU B 260 26.06 22.66 -2.64
N CYS B 261 26.46 21.51 -2.11
CA CYS B 261 26.05 21.13 -0.77
C CYS B 261 27.09 20.17 -0.22
N LYS B 262 26.96 19.87 1.07
CA LYS B 262 27.83 18.94 1.78
C LYS B 262 27.00 17.76 2.28
N LEU B 263 27.38 16.57 1.86
CA LEU B 263 26.89 15.33 2.45
C LEU B 263 27.83 14.94 3.57
N TYR B 264 27.41 15.19 4.81
CA TYR B 264 28.19 14.70 5.93
C TYR B 264 28.17 13.19 5.93
N ASN B 265 29.29 12.61 6.36
CA ASN B 265 29.44 11.17 6.42
C ASN B 265 28.29 10.51 7.17
N GLU B 266 27.68 11.23 8.09
CA GLU B 266 26.65 10.65 8.92
C GLU B 266 25.30 10.60 8.21
N GLY B 267 25.26 10.97 6.94
CA GLY B 267 24.16 10.64 6.09
C GLY B 267 23.13 11.72 5.88
N TYR B 268 23.48 12.98 6.09
CA TYR B 268 22.58 14.09 5.84
C TYR B 268 23.30 15.17 5.02
N ILE B 269 22.51 15.95 4.30
CA ILE B 269 23.03 16.96 3.37
C ILE B 269 22.71 18.34 3.89
N ALA B 270 23.69 19.24 3.81
CA ALA B 270 23.52 20.60 4.26
C ALA B 270 23.73 21.54 3.09
N LEU B 271 22.89 22.58 3.03
CA LEU B 271 23.11 23.74 2.19
C LEU B 271 23.34 24.95 3.08
N SER B 272 24.08 25.91 2.55
CA SER B 272 24.23 27.21 3.21
C SER B 272 23.09 28.11 2.74
N TYR B 273 22.22 28.47 3.65
CA TYR B 273 21.01 29.21 3.31
C TYR B 273 20.61 30.06 4.50
N SER B 274 20.49 31.37 4.27
CA SER B 274 20.17 32.34 5.32
C SER B 274 18.73 32.83 5.28
N GLY B 275 17.97 32.50 4.23
CA GLY B 275 16.58 32.85 4.17
C GLY B 275 15.81 32.40 5.39
N SER B 276 14.59 32.91 5.55
CA SER B 276 13.76 32.57 6.70
C SER B 276 12.70 31.53 6.36
N GLY B 277 12.23 31.52 5.11
CA GLY B 277 11.18 30.62 4.69
C GLY B 277 11.71 29.53 3.78
N PRO B 278 10.81 28.67 3.32
CA PRO B 278 11.23 27.55 2.48
C PRO B 278 11.81 28.00 1.15
N LEU B 279 12.77 27.24 0.67
CA LEU B 279 13.27 27.37 -0.69
C LEU B 279 13.23 25.99 -1.32
N THR B 280 12.43 25.84 -2.36
CA THR B 280 12.33 24.59 -3.10
C THR B 280 13.27 24.59 -4.29
N PHE B 281 13.64 23.40 -4.72
CA PHE B 281 14.52 23.21 -5.84
C PHE B 281 13.89 22.26 -6.84
N PRO B 282 14.23 22.40 -8.12
CA PRO B 282 13.79 21.42 -9.11
C PRO B 282 14.23 20.03 -8.72
N THR B 283 13.42 19.04 -9.08
CA THR B 283 13.65 17.66 -8.71
C THR B 283 14.23 16.83 -9.85
N ASP B 284 14.66 17.47 -10.93
CA ASP B 284 15.14 16.76 -12.10
C ASP B 284 16.63 16.94 -12.30
N GLY B 285 17.34 17.38 -11.25
CA GLY B 285 18.78 17.43 -11.29
C GLY B 285 19.39 16.11 -10.89
N ILE B 286 20.73 16.10 -10.89
CA ILE B 286 21.52 14.96 -10.48
C ILE B 286 22.59 15.43 -9.50
N PHE B 287 22.76 14.70 -8.40
CA PHE B 287 23.83 14.96 -7.45
C PHE B 287 25.11 14.30 -7.93
N GLU B 288 26.17 15.09 -8.04
CA GLU B 288 27.48 14.60 -8.43
C GLU B 288 28.48 14.87 -7.31
N VAL B 289 29.32 13.88 -7.03
CA VAL B 289 30.37 14.03 -6.02
C VAL B 289 31.51 14.85 -6.61
N VAL B 290 31.98 15.82 -5.85
CA VAL B 290 33.09 16.68 -6.27
C VAL B 290 34.35 16.20 -5.57
N SER B 291 34.35 16.21 -4.25
CA SER B 291 35.55 15.86 -3.48
C SER B 291 35.18 15.62 -2.03
N TRP B 292 36.08 14.93 -1.32
CA TRP B 292 36.08 14.98 0.14
C TRP B 292 36.39 16.38 0.62
N VAL B 293 35.71 16.80 1.70
CA VAL B 293 35.99 18.08 2.34
C VAL B 293 35.87 17.90 3.84
N PRO B 294 36.53 18.76 4.61
CA PRO B 294 36.40 18.70 6.06
C PRO B 294 35.10 19.33 6.54
N ARG B 295 34.77 19.01 7.79
CA ARG B 295 33.57 19.53 8.43
C ARG B 295 33.42 21.04 8.26
N LEU B 296 34.54 21.77 8.32
CA LEU B 296 34.49 23.22 8.32
C LEU B 296 34.41 23.84 6.92
N TYR B 297 34.46 23.04 5.87
CA TYR B 297 34.33 23.57 4.53
C TYR B 297 33.10 24.46 4.45
N GLN B 298 33.28 25.66 3.90
CA GLN B 298 32.24 26.67 3.84
C GLN B 298 31.62 26.66 2.44
N LEU B 299 30.30 26.54 2.38
CA LEU B 299 29.57 26.41 1.12
C LEU B 299 29.17 27.77 0.59
N ALA B 300 29.03 27.86 -0.73
CA ALA B 300 28.35 28.98 -1.36
C ALA B 300 26.88 28.97 -1.01
N SER B 301 26.36 30.12 -0.61
CA SER B 301 24.97 30.28 -0.23
C SER B 301 24.04 30.10 -1.42
N VAL B 302 22.79 29.74 -1.12
CA VAL B 302 21.72 29.69 -2.13
C VAL B 302 20.65 30.73 -1.81
N MET C 1 -37.79 4.32 -13.61
CA MET C 1 -36.78 3.64 -12.75
C MET C 1 -35.55 4.56 -12.67
N GLU C 2 -34.66 4.34 -11.70
CA GLU C 2 -33.45 5.14 -11.56
C GLU C 2 -32.17 4.36 -11.79
N ASP C 3 -32.06 3.13 -11.28
CA ASP C 3 -30.96 2.30 -11.73
C ASP C 3 -31.14 2.03 -13.22
N PRO C 4 -30.05 2.01 -13.99
CA PRO C 4 -30.21 1.75 -15.44
C PRO C 4 -30.82 0.42 -15.77
N VAL C 5 -30.50 -0.63 -15.02
CA VAL C 5 -30.93 -1.97 -15.36
C VAL C 5 -31.11 -2.79 -14.08
N THR C 6 -32.25 -3.47 -13.96
CA THR C 6 -32.49 -4.35 -12.85
C THR C 6 -32.93 -5.71 -13.36
N GLY C 7 -32.53 -6.73 -12.63
CA GLY C 7 -32.90 -8.09 -12.91
C GLY C 7 -33.42 -8.76 -11.66
N PRO C 8 -33.70 -10.06 -11.77
CA PRO C 8 -34.05 -10.87 -10.60
C PRO C 8 -32.79 -11.18 -9.81
N GLU C 9 -32.78 -10.79 -8.54
CA GLU C 9 -31.60 -11.03 -7.71
C GLU C 9 -31.32 -12.51 -7.60
N GLU C 10 -32.38 -13.32 -7.55
CA GLU C 10 -32.29 -14.77 -7.55
C GLU C 10 -33.34 -15.29 -8.50
N VAL C 11 -32.94 -16.25 -9.32
CA VAL C 11 -33.86 -16.95 -10.21
C VAL C 11 -33.50 -18.42 -10.11
N SER C 12 -34.52 -19.29 -10.05
CA SER C 12 -34.30 -20.71 -9.88
C SER C 12 -35.04 -21.49 -10.96
N GLY C 13 -34.34 -22.48 -11.52
CA GLY C 13 -34.92 -23.39 -12.49
C GLY C 13 -34.55 -24.82 -12.13
N GLN C 14 -35.05 -25.74 -12.93
CA GLN C 14 -34.89 -27.16 -12.65
C GLN C 14 -34.27 -27.86 -13.85
N GLU C 15 -33.56 -28.93 -13.56
CA GLU C 15 -32.89 -29.73 -14.58
C GLU C 15 -33.82 -30.03 -15.75
N GLN C 16 -33.31 -29.85 -16.97
CA GLN C 16 -34.01 -30.11 -18.23
C GLN C 16 -35.12 -29.12 -18.52
N GLY C 17 -35.41 -28.24 -17.57
CA GLY C 17 -36.37 -27.18 -17.77
C GLY C 17 -35.74 -25.95 -18.41
N SER C 18 -36.49 -24.86 -18.32
CA SER C 18 -36.05 -23.56 -18.81
C SER C 18 -36.28 -22.53 -17.72
N LEU C 19 -35.67 -21.37 -17.90
CA LEU C 19 -36.00 -20.20 -17.10
C LEU C 19 -35.84 -18.96 -17.95
N THR C 20 -36.46 -17.87 -17.50
CA THR C 20 -36.33 -16.59 -18.15
C THR C 20 -35.92 -15.56 -17.12
N VAL C 21 -35.22 -14.55 -17.62
CA VAL C 21 -34.71 -13.44 -16.84
C VAL C 21 -35.15 -12.17 -17.55
N GLN C 22 -35.87 -11.30 -16.85
CA GLN C 22 -36.25 -10.00 -17.39
C GLN C 22 -35.26 -8.97 -16.88
N CYS C 23 -34.52 -8.37 -17.80
CA CYS C 23 -33.59 -7.31 -17.49
C CYS C 23 -34.30 -6.03 -17.89
N ARG C 24 -34.88 -5.36 -16.91
CA ARG C 24 -35.65 -4.15 -17.16
C ARG C 24 -34.74 -2.94 -17.07
N TYR C 25 -34.87 -2.01 -18.02
CA TYR C 25 -34.02 -0.84 -18.03
C TYR C 25 -34.81 0.43 -18.28
N THR C 26 -34.15 1.56 -18.08
CA THR C 26 -34.78 2.85 -18.30
C THR C 26 -34.64 3.26 -19.77
N SER C 27 -35.55 4.13 -20.20
CA SER C 27 -35.75 4.42 -21.62
C SER C 27 -34.51 4.96 -22.31
N GLY C 28 -33.65 5.68 -21.60
CA GLY C 28 -32.46 6.22 -22.23
C GLY C 28 -31.52 5.18 -22.82
N TRP C 29 -31.60 3.93 -22.36
CA TRP C 29 -30.73 2.86 -22.85
C TRP C 29 -31.36 2.07 -23.98
N LYS C 30 -32.45 2.57 -24.57
CA LYS C 30 -33.13 1.86 -25.64
C LYS C 30 -32.17 1.40 -26.73
N ASP C 31 -31.36 2.30 -27.26
CA ASP C 31 -30.60 2.02 -28.46
C ASP C 31 -29.19 1.48 -28.18
N TYR C 32 -28.98 0.85 -27.03
CA TYR C 32 -27.70 0.25 -26.66
C TYR C 32 -27.76 -1.27 -26.78
N LYS C 33 -26.62 -1.87 -27.08
CA LYS C 33 -26.55 -3.33 -27.05
C LYS C 33 -26.80 -3.84 -25.64
N LYS C 34 -27.55 -4.94 -25.55
CA LYS C 34 -27.84 -5.63 -24.30
C LYS C 34 -27.17 -6.98 -24.32
N TYR C 35 -26.79 -7.49 -23.14
CA TYR C 35 -26.13 -8.77 -23.11
C TYR C 35 -26.39 -9.50 -21.80
N TRP C 36 -26.02 -10.77 -21.82
CA TRP C 36 -26.10 -11.68 -20.69
C TRP C 36 -24.70 -12.23 -20.50
N CYS C 37 -24.17 -12.07 -19.29
CA CYS C 37 -22.79 -12.37 -18.95
C CYS C 37 -22.77 -13.40 -17.84
N GLN C 38 -21.68 -14.17 -17.76
CA GLN C 38 -21.52 -15.23 -16.78
C GLN C 38 -20.18 -15.11 -16.06
N GLY C 39 -20.22 -15.13 -14.73
CA GLY C 39 -19.06 -15.38 -13.91
C GLY C 39 -18.50 -14.13 -13.24
N VAL C 40 -17.42 -14.36 -12.51
CA VAL C 40 -16.72 -13.29 -11.80
C VAL C 40 -15.22 -13.47 -12.07
N PRO C 41 -14.43 -12.40 -12.04
CA PRO C 41 -14.81 -11.03 -11.75
C PRO C 41 -15.88 -10.45 -12.67
N GLN C 42 -16.70 -9.59 -12.07
CA GLN C 42 -17.83 -8.99 -12.77
C GLN C 42 -17.47 -8.47 -14.15
N ARG C 43 -16.47 -7.61 -14.24
CA ARG C 43 -16.22 -6.88 -15.47
C ARG C 43 -15.27 -7.59 -16.42
N SER C 44 -14.91 -8.83 -16.12
CA SER C 44 -14.33 -9.72 -17.11
C SER C 44 -15.22 -10.94 -17.31
N CYS C 45 -16.51 -10.83 -16.98
CA CYS C 45 -17.42 -11.95 -17.13
C CYS C 45 -17.43 -12.42 -18.59
N LYS C 46 -17.87 -13.66 -18.79
CA LYS C 46 -17.99 -14.21 -20.15
C LYS C 46 -19.34 -13.81 -20.74
N THR C 47 -19.30 -13.10 -21.87
CA THR C 47 -20.53 -12.75 -22.57
C THR C 47 -21.08 -13.98 -23.27
N LEU C 48 -22.31 -14.35 -22.97
CA LEU C 48 -22.89 -15.52 -23.62
C LEU C 48 -23.71 -15.15 -24.86
N VAL C 49 -24.43 -14.02 -24.80
CA VAL C 49 -25.19 -13.50 -25.93
C VAL C 49 -25.22 -11.99 -25.80
N GLU C 50 -25.21 -11.31 -26.93
CA GLU C 50 -25.30 -9.85 -26.96
C GLU C 50 -26.17 -9.45 -28.15
N THR C 51 -27.09 -8.52 -27.94
CA THR C 51 -27.87 -8.00 -29.05
C THR C 51 -27.05 -7.04 -29.90
N ASP C 52 -27.62 -6.66 -31.04
CA ASP C 52 -27.02 -5.68 -31.94
C ASP C 52 -27.69 -4.32 -31.81
N ALA C 53 -28.38 -4.08 -30.69
CA ALA C 53 -29.09 -2.86 -30.36
C ALA C 53 -30.44 -2.76 -31.08
N SER C 54 -30.88 -3.80 -31.77
CA SER C 54 -32.24 -3.91 -32.26
C SER C 54 -33.05 -4.86 -31.37
N GLU C 55 -34.30 -5.09 -31.76
CA GLU C 55 -35.16 -6.04 -31.09
C GLU C 55 -35.03 -7.45 -31.62
N GLN C 56 -33.99 -7.73 -32.39
CA GLN C 56 -33.88 -9.02 -33.04
C GLN C 56 -33.35 -10.06 -32.05
N LEU C 57 -33.93 -11.26 -32.13
CA LEU C 57 -33.50 -12.37 -31.30
C LEU C 57 -32.04 -12.73 -31.57
N VAL C 58 -31.32 -13.06 -30.52
CA VAL C 58 -30.02 -13.70 -30.63
C VAL C 58 -30.04 -14.94 -29.76
N LYS C 59 -29.56 -16.05 -30.33
CA LYS C 59 -29.46 -17.31 -29.60
C LYS C 59 -28.08 -17.90 -29.82
N LYS C 60 -27.43 -18.31 -28.75
CA LYS C 60 -26.21 -19.09 -28.86
C LYS C 60 -26.28 -20.23 -27.86
N ASN C 61 -26.08 -21.44 -28.34
CA ASN C 61 -26.17 -22.63 -27.51
C ASN C 61 -27.54 -22.66 -26.84
N ARG C 62 -27.61 -22.66 -25.52
CA ARG C 62 -28.90 -22.80 -24.86
C ARG C 62 -29.44 -21.46 -24.37
N VAL C 63 -28.86 -20.35 -24.83
CA VAL C 63 -29.15 -19.04 -24.27
C VAL C 63 -29.68 -18.16 -25.37
N SER C 64 -30.82 -17.51 -25.09
CA SER C 64 -31.44 -16.53 -26.00
C SER C 64 -31.60 -15.17 -25.32
N ILE C 65 -31.57 -14.12 -26.12
CA ILE C 65 -31.79 -12.77 -25.62
C ILE C 65 -32.64 -12.01 -26.64
N ARG C 66 -33.59 -11.25 -26.13
CA ARG C 66 -34.49 -10.46 -26.96
C ARG C 66 -34.75 -9.15 -26.26
N ASP C 67 -34.41 -8.05 -26.91
CA ASP C 67 -34.66 -6.72 -26.40
C ASP C 67 -36.05 -6.27 -26.84
N ASN C 68 -36.87 -5.85 -25.88
CA ASN C 68 -38.13 -5.17 -26.19
C ASN C 68 -37.91 -3.69 -25.90
N GLN C 69 -37.86 -2.89 -26.97
CA GLN C 69 -37.52 -1.48 -26.88
C GLN C 69 -38.74 -0.60 -26.81
N ARG C 70 -39.88 -1.18 -26.48
CA ARG C 70 -41.09 -0.45 -26.19
C ARG C 70 -41.43 -0.50 -24.71
N ASP C 71 -41.32 -1.67 -24.10
CA ASP C 71 -41.42 -1.80 -22.65
C ASP C 71 -40.06 -1.66 -21.95
N PHE C 72 -38.97 -1.61 -22.72
CA PHE C 72 -37.62 -1.48 -22.16
C PHE C 72 -37.31 -2.64 -21.21
N ILE C 73 -37.37 -3.85 -21.76
CA ILE C 73 -37.01 -5.07 -21.08
C ILE C 73 -36.28 -5.92 -22.09
N PHE C 74 -35.06 -6.38 -21.76
CA PHE C 74 -34.50 -7.48 -22.53
C PHE C 74 -34.65 -8.76 -21.72
N THR C 75 -35.17 -9.77 -22.37
CA THR C 75 -35.45 -11.05 -21.74
C THR C 75 -34.42 -12.06 -22.19
N VAL C 76 -33.89 -12.79 -21.23
CA VAL C 76 -32.93 -13.85 -21.45
C VAL C 76 -33.62 -15.16 -21.11
N THR C 77 -33.48 -16.12 -22.00
CA THR C 77 -34.02 -17.45 -21.81
C THR C 77 -32.86 -18.43 -21.76
N MET C 78 -32.82 -19.28 -20.74
CA MET C 78 -31.88 -20.37 -20.67
C MET C 78 -32.64 -21.69 -20.65
N GLU C 79 -32.35 -22.55 -21.64
CA GLU C 79 -33.09 -23.78 -21.88
C GLU C 79 -32.28 -25.01 -21.51
N ASP C 80 -33.00 -26.13 -21.42
CA ASP C 80 -32.43 -27.45 -21.15
C ASP C 80 -31.40 -27.36 -20.03
N LEU C 81 -31.86 -26.84 -18.90
CA LEU C 81 -31.00 -26.45 -17.80
C LEU C 81 -30.23 -27.63 -17.23
N ARG C 82 -29.01 -27.34 -16.78
CA ARG C 82 -28.14 -28.33 -16.16
C ARG C 82 -27.63 -27.76 -14.85
N MET C 83 -27.38 -28.66 -13.89
CA MET C 83 -26.82 -28.24 -12.60
C MET C 83 -25.63 -27.30 -12.80
N SER C 84 -24.81 -27.56 -13.82
CA SER C 84 -23.61 -26.76 -14.00
C SER C 84 -23.91 -25.36 -14.53
N ASP C 85 -25.15 -25.10 -14.94
CA ASP C 85 -25.55 -23.75 -15.31
C ASP C 85 -25.62 -22.81 -14.09
N ALA C 86 -25.73 -23.35 -12.89
CA ALA C 86 -25.91 -22.51 -11.72
C ALA C 86 -24.70 -21.60 -11.53
N GLY C 87 -24.93 -20.40 -11.05
CA GLY C 87 -23.85 -19.48 -10.79
C GLY C 87 -24.30 -18.04 -10.87
N ILE C 88 -23.29 -17.16 -10.92
CA ILE C 88 -23.48 -15.73 -11.01
C ILE C 88 -23.51 -15.32 -12.47
N TYR C 89 -24.53 -14.57 -12.84
CA TYR C 89 -24.70 -14.03 -14.18
C TYR C 89 -25.01 -12.55 -14.05
N TRP C 90 -25.04 -11.86 -15.20
CA TRP C 90 -25.25 -10.42 -15.20
C TRP C 90 -26.09 -9.98 -16.37
N CYS C 91 -27.12 -9.18 -16.08
CA CYS C 91 -27.72 -8.31 -17.08
C CYS C 91 -26.70 -7.22 -17.38
N GLY C 92 -26.51 -6.93 -18.67
CA GLY C 92 -25.56 -5.88 -19.04
C GLY C 92 -26.10 -4.99 -20.14
N ILE C 93 -25.68 -3.74 -20.08
CA ILE C 93 -25.85 -2.78 -21.16
C ILE C 93 -24.47 -2.32 -21.58
N THR C 94 -24.15 -2.52 -22.85
CA THR C 94 -22.84 -2.13 -23.38
C THR C 94 -22.77 -0.62 -23.56
N LYS C 95 -21.78 -0.01 -22.93
CA LYS C 95 -21.46 1.38 -23.19
C LYS C 95 -19.97 1.58 -22.99
N GLY C 96 -19.47 2.73 -23.45
CA GLY C 96 -18.09 3.07 -23.23
C GLY C 96 -17.82 3.20 -21.75
N GLY C 97 -16.76 2.54 -21.30
CA GLY C 97 -16.46 2.50 -19.88
C GLY C 97 -17.31 1.45 -19.19
N LEU C 98 -17.65 1.75 -17.92
CA LEU C 98 -18.29 0.80 -17.03
C LEU C 98 -19.72 0.56 -17.48
N ASP C 99 -20.00 -0.67 -17.90
CA ASP C 99 -21.34 -1.03 -18.31
C ASP C 99 -22.28 -1.01 -17.11
N PRO C 100 -23.50 -0.49 -17.25
CA PRO C 100 -24.54 -0.84 -16.29
C PRO C 100 -24.73 -2.35 -16.27
N MET C 101 -24.77 -2.91 -15.08
CA MET C 101 -24.82 -4.36 -14.89
C MET C 101 -25.65 -4.65 -13.66
N PHE C 102 -26.28 -5.81 -13.66
CA PHE C 102 -27.06 -6.21 -12.51
C PHE C 102 -26.80 -7.68 -12.26
N LYS C 103 -26.46 -8.00 -11.03
CA LYS C 103 -26.10 -9.34 -10.64
C LYS C 103 -27.32 -10.24 -10.48
N VAL C 104 -27.32 -11.37 -11.19
CA VAL C 104 -28.39 -12.36 -11.12
C VAL C 104 -27.78 -13.67 -10.66
N THR C 105 -28.26 -14.20 -9.55
CA THR C 105 -27.82 -15.52 -9.10
C THR C 105 -28.79 -16.55 -9.64
N VAL C 106 -28.27 -17.49 -10.41
CA VAL C 106 -29.04 -18.56 -11.01
C VAL C 106 -28.85 -19.81 -10.17
N ASN C 107 -29.95 -20.34 -9.65
CA ASN C 107 -29.98 -21.59 -8.89
C ASN C 107 -30.67 -22.68 -9.72
N ILE C 108 -30.11 -23.88 -9.67
CA ILE C 108 -30.62 -25.01 -10.42
C ILE C 108 -30.70 -26.19 -9.47
N GLY C 109 -31.83 -26.87 -9.48
CA GLY C 109 -31.98 -28.08 -8.71
C GLY C 109 -32.69 -29.13 -9.52
N PRO C 110 -32.70 -30.37 -9.05
CA PRO C 110 -33.51 -31.39 -9.70
C PRO C 110 -34.99 -31.12 -9.46
N VAL C 111 -35.82 -31.68 -10.33
CA VAL C 111 -37.25 -31.68 -10.04
C VAL C 111 -37.48 -32.40 -8.72
N PRO C 112 -38.31 -31.88 -7.82
CA PRO C 112 -38.47 -32.52 -6.52
C PRO C 112 -38.96 -33.96 -6.66
N THR C 113 -38.53 -34.79 -5.70
CA THR C 113 -38.65 -36.24 -5.68
C THR C 113 -38.84 -36.83 -7.06
N MET D 1 -25.15 -6.50 29.76
CA MET D 1 -24.14 -5.59 29.13
C MET D 1 -22.89 -6.39 28.74
N GLU D 2 -22.51 -6.33 27.47
CA GLU D 2 -21.31 -7.01 27.00
C GLU D 2 -20.09 -6.11 26.95
N ASP D 3 -20.29 -4.84 26.61
CA ASP D 3 -19.21 -3.89 26.59
C ASP D 3 -18.62 -3.76 28.00
N PRO D 4 -17.32 -3.50 28.12
CA PRO D 4 -16.76 -3.26 29.45
C PRO D 4 -17.23 -1.97 30.08
N VAL D 5 -17.49 -0.93 29.31
CA VAL D 5 -17.85 0.37 29.86
C VAL D 5 -18.76 1.08 28.86
N THR D 6 -19.74 1.79 29.39
CA THR D 6 -20.63 2.56 28.55
C THR D 6 -20.97 3.87 29.25
N GLY D 7 -21.36 4.85 28.46
CA GLY D 7 -21.78 6.11 29.00
C GLY D 7 -22.83 6.76 28.15
N PRO D 8 -23.12 8.03 28.41
CA PRO D 8 -24.02 8.79 27.55
C PRO D 8 -23.29 9.18 26.27
N GLU D 9 -23.95 9.01 25.12
CA GLU D 9 -23.31 9.41 23.87
C GLU D 9 -23.03 10.89 23.85
N GLU D 10 -23.94 11.68 24.41
CA GLU D 10 -23.83 13.12 24.45
C GLU D 10 -24.17 13.62 25.83
N VAL D 11 -23.55 14.73 26.19
CA VAL D 11 -23.84 15.41 27.45
C VAL D 11 -23.69 16.90 27.20
N SER D 12 -24.51 17.67 27.89
CA SER D 12 -24.62 19.10 27.68
C SER D 12 -24.44 19.81 29.00
N GLY D 13 -23.77 20.96 28.96
CA GLY D 13 -23.68 21.83 30.10
C GLY D 13 -23.73 23.26 29.62
N GLN D 14 -23.97 24.14 30.57
CA GLN D 14 -24.01 25.56 30.26
C GLN D 14 -22.72 26.20 30.73
N GLU D 15 -22.25 27.17 29.96
CA GLU D 15 -21.10 27.97 30.35
C GLU D 15 -21.23 28.39 31.80
N GLN D 16 -20.14 28.20 32.55
CA GLN D 16 -19.97 28.58 33.95
C GLN D 16 -20.65 27.59 34.88
N GLY D 17 -21.41 26.63 34.37
CA GLY D 17 -22.04 25.60 35.16
C GLY D 17 -21.22 24.34 35.11
N SER D 18 -21.91 23.22 35.37
CA SER D 18 -21.26 21.92 35.44
C SER D 18 -21.99 20.90 34.57
N LEU D 19 -21.37 19.73 34.46
CA LEU D 19 -22.03 18.57 33.90
C LEU D 19 -21.47 17.34 34.59
N THR D 20 -22.25 16.26 34.50
CA THR D 20 -21.94 15.00 35.13
C THR D 20 -22.10 13.89 34.09
N VAL D 21 -21.24 12.90 34.18
CA VAL D 21 -21.18 11.79 33.24
C VAL D 21 -21.02 10.53 34.08
N GLN D 22 -21.93 9.58 33.90
CA GLN D 22 -21.83 8.29 34.59
C GLN D 22 -21.27 7.29 33.59
N CYS D 23 -20.07 6.82 33.87
CA CYS D 23 -19.40 5.78 33.10
C CYS D 23 -19.69 4.46 33.82
N ARG D 24 -20.61 3.69 33.27
CA ARG D 24 -21.05 2.44 33.86
C ARG D 24 -20.22 1.30 33.29
N TYR D 25 -19.78 0.38 34.16
CA TYR D 25 -18.95 -0.72 33.71
C TYR D 25 -19.41 -2.01 34.39
N THR D 26 -18.78 -3.12 34.00
CA THR D 26 -19.12 -4.45 34.48
C THR D 26 -18.11 -4.91 35.53
N SER D 27 -18.59 -5.79 36.40
CA SER D 27 -17.94 -6.05 37.70
C SER D 27 -16.48 -6.44 37.56
N GLY D 28 -16.11 -7.13 36.49
CA GLY D 28 -14.74 -7.56 36.35
C GLY D 28 -13.75 -6.42 36.35
N TRP D 29 -14.19 -5.21 36.01
CA TRP D 29 -13.29 -4.09 35.91
C TRP D 29 -13.18 -3.31 37.21
N LYS D 30 -13.64 -3.88 38.31
CA LYS D 30 -13.66 -3.16 39.58
C LYS D 30 -12.28 -2.63 39.95
N ASP D 31 -11.27 -3.48 39.97
CA ASP D 31 -9.97 -3.12 40.54
C ASP D 31 -9.03 -2.51 39.51
N TYR D 32 -9.57 -1.75 38.57
CA TYR D 32 -8.81 -1.10 37.52
C TYR D 32 -8.92 0.41 37.69
N LYS D 33 -7.85 1.10 37.29
CA LYS D 33 -7.91 2.55 37.26
C LYS D 33 -8.94 3.02 36.22
N LYS D 34 -9.71 4.01 36.58
CA LYS D 34 -10.69 4.64 35.71
C LYS D 34 -10.22 6.05 35.38
N TYR D 35 -10.59 6.55 34.20
CA TYR D 35 -10.12 7.87 33.86
C TYR D 35 -11.08 8.56 32.89
N TRP D 36 -10.89 9.87 32.79
CA TRP D 36 -11.63 10.72 31.88
C TRP D 36 -10.63 11.37 30.94
N CYS D 37 -10.84 11.20 29.65
CA CYS D 37 -9.88 11.54 28.62
C CYS D 37 -10.49 12.53 27.66
N GLN D 38 -9.63 13.36 27.04
CA GLN D 38 -10.06 14.44 26.16
C GLN D 38 -9.35 14.39 24.80
N GLY D 39 -10.14 14.41 23.74
CA GLY D 39 -9.65 14.72 22.39
C GLY D 39 -9.39 13.50 21.53
N VAL D 40 -8.93 13.79 20.31
CA VAL D 40 -8.57 12.76 19.34
C VAL D 40 -7.19 13.06 18.79
N PRO D 41 -6.47 12.03 18.31
CA PRO D 41 -6.85 10.63 18.21
C PRO D 41 -7.15 9.98 19.57
N GLN D 42 -8.06 9.01 19.49
CA GLN D 42 -8.62 8.39 20.68
C GLN D 42 -7.55 7.94 21.66
N ARG D 43 -6.60 7.14 21.19
CA ARG D 43 -5.72 6.48 22.13
C ARG D 43 -4.47 7.30 22.42
N SER D 44 -4.38 8.53 21.91
CA SER D 44 -3.42 9.49 22.43
C SER D 44 -4.14 10.66 23.10
N CYS D 45 -5.39 10.44 23.55
CA CYS D 45 -6.17 11.47 24.21
C CYS D 45 -5.49 11.93 25.50
N LYS D 46 -5.83 13.13 25.95
CA LYS D 46 -5.22 13.71 27.14
C LYS D 46 -6.03 13.31 28.37
N THR D 47 -5.41 12.56 29.29
CA THR D 47 -6.05 12.23 30.55
C THR D 47 -6.22 13.49 31.38
N LEU D 48 -7.46 13.77 31.78
CA LEU D 48 -7.78 14.92 32.60
C LEU D 48 -7.80 14.59 34.07
N VAL D 49 -8.22 13.36 34.40
CA VAL D 49 -8.22 12.90 35.78
C VAL D 49 -8.30 11.38 35.74
N GLU D 50 -7.76 10.74 36.76
CA GLU D 50 -7.72 9.30 36.82
C GLU D 50 -7.79 8.87 38.28
N THR D 51 -8.39 7.72 38.52
CA THR D 51 -8.41 7.16 39.87
C THR D 51 -7.17 6.31 40.07
N ASP D 52 -6.96 5.90 41.32
CA ASP D 52 -5.91 4.96 41.66
C ASP D 52 -6.46 3.54 41.87
N ALA D 53 -7.63 3.26 41.31
CA ALA D 53 -8.29 1.95 41.38
C ALA D 53 -8.97 1.75 42.72
N SER D 54 -9.11 2.79 43.54
CA SER D 54 -9.93 2.78 44.74
C SER D 54 -11.16 3.64 44.51
N GLU D 55 -11.99 3.72 45.53
CA GLU D 55 -13.18 4.57 45.50
C GLU D 55 -12.91 6.01 45.90
N GLN D 56 -11.66 6.38 46.13
CA GLN D 56 -11.33 7.76 46.48
C GLN D 56 -11.67 8.72 45.35
N LEU D 57 -12.45 9.74 45.68
CA LEU D 57 -12.71 10.82 44.74
C LEU D 57 -11.43 11.60 44.46
N VAL D 58 -11.22 11.90 43.19
CA VAL D 58 -10.07 12.66 42.71
C VAL D 58 -10.59 13.87 41.97
N LYS D 59 -9.96 15.02 42.20
CA LYS D 59 -10.27 16.21 41.43
C LYS D 59 -8.97 16.79 40.91
N LYS D 60 -8.94 17.14 39.64
CA LYS D 60 -7.80 17.85 39.07
C LYS D 60 -8.35 19.05 38.32
N ASN D 61 -7.94 20.24 38.76
CA ASN D 61 -8.52 21.47 38.24
C ASN D 61 -10.04 21.37 38.21
N ARG D 62 -10.68 21.47 37.05
CA ARG D 62 -12.14 21.54 37.03
C ARG D 62 -12.82 20.19 36.85
N VAL D 63 -12.08 19.08 36.91
CA VAL D 63 -12.60 17.76 36.58
C VAL D 63 -12.46 16.85 37.78
N SER D 64 -13.54 16.18 38.15
CA SER D 64 -13.53 15.23 39.25
C SER D 64 -13.97 13.85 38.78
N ILE D 65 -13.53 12.81 39.50
CA ILE D 65 -13.89 11.44 39.19
C ILE D 65 -13.98 10.66 40.48
N ARG D 66 -14.97 9.77 40.55
CA ARG D 66 -15.06 8.83 41.66
C ARG D 66 -15.65 7.52 41.17
N ASP D 67 -14.97 6.44 41.54
CA ASP D 67 -15.35 5.09 41.18
C ASP D 67 -16.18 4.49 42.33
N ASN D 68 -17.46 4.25 42.07
CA ASN D 68 -18.33 3.50 42.98
C ASN D 68 -18.15 2.03 42.66
N GLN D 69 -17.36 1.33 43.47
CA GLN D 69 -17.00 -0.05 43.20
C GLN D 69 -17.99 -1.06 43.80
N ARG D 70 -19.11 -0.59 44.33
CA ARG D 70 -20.22 -1.47 44.67
C ARG D 70 -21.14 -1.60 43.46
N ASP D 71 -21.57 -0.46 42.92
CA ASP D 71 -22.43 -0.40 41.76
C ASP D 71 -21.69 -0.42 40.43
N PHE D 72 -20.37 -0.27 40.44
CA PHE D 72 -19.56 -0.34 39.23
C PHE D 72 -19.94 0.77 38.25
N ILE D 73 -19.79 2.00 38.74
CA ILE D 73 -20.03 3.22 37.98
C ILE D 73 -19.02 4.24 38.44
N PHE D 74 -18.27 4.84 37.52
CA PHE D 74 -17.43 5.96 37.90
C PHE D 74 -18.03 7.23 37.30
N THR D 75 -18.17 8.23 38.15
CA THR D 75 -18.86 9.46 37.82
C THR D 75 -17.85 10.56 37.63
N VAL D 76 -17.98 11.26 36.52
CA VAL D 76 -17.10 12.36 36.15
C VAL D 76 -17.89 13.64 36.26
N THR D 77 -17.28 14.67 36.83
CA THR D 77 -17.85 15.99 36.86
C THR D 77 -16.89 16.97 36.21
N MET D 78 -17.45 17.88 35.42
CA MET D 78 -16.71 19.02 34.86
C MET D 78 -17.42 20.30 35.25
N GLU D 79 -16.69 21.26 35.80
CA GLU D 79 -17.34 22.43 36.36
C GLU D 79 -16.77 23.69 35.75
N ASP D 80 -17.42 24.80 36.06
CA ASP D 80 -17.04 26.11 35.53
C ASP D 80 -16.79 25.99 34.03
N LEU D 81 -17.78 25.44 33.34
CA LEU D 81 -17.60 25.06 31.95
C LEU D 81 -17.29 26.26 31.07
N ARG D 82 -16.41 26.03 30.09
CA ARG D 82 -16.04 27.02 29.09
C ARG D 82 -16.48 26.51 27.73
N MET D 83 -16.73 27.44 26.79
CA MET D 83 -17.11 27.01 25.46
C MET D 83 -16.04 26.12 24.86
N SER D 84 -14.75 26.38 25.15
CA SER D 84 -13.68 25.54 24.67
C SER D 84 -13.68 24.15 25.29
N ASP D 85 -14.52 23.87 26.27
CA ASP D 85 -14.62 22.50 26.77
C ASP D 85 -15.37 21.58 25.83
N ALA D 86 -16.11 22.11 24.86
CA ALA D 86 -16.89 21.24 23.98
C ALA D 86 -15.98 20.35 23.16
N GLY D 87 -16.40 19.13 22.91
CA GLY D 87 -15.60 18.25 22.08
C GLY D 87 -15.77 16.81 22.48
N ILE D 88 -14.81 16.02 22.00
CA ILE D 88 -14.80 14.58 22.17
C ILE D 88 -14.08 14.24 23.48
N TYR D 89 -14.75 13.45 24.32
CA TYR D 89 -14.18 12.90 25.55
C TYR D 89 -14.39 11.39 25.57
N TRP D 90 -13.75 10.74 26.56
CA TRP D 90 -13.81 9.29 26.71
C TRP D 90 -13.85 8.89 28.17
N CYS D 91 -14.82 8.03 28.52
CA CYS D 91 -14.69 7.15 29.68
C CYS D 91 -13.61 6.13 29.39
N GLY D 92 -12.70 5.88 30.32
CA GLY D 92 -11.64 4.91 30.06
C GLY D 92 -11.37 4.03 31.26
N ILE D 93 -10.92 2.82 30.96
CA ILE D 93 -10.43 1.90 31.98
C ILE D 93 -9.02 1.51 31.60
N THR D 94 -8.08 1.71 32.51
CA THR D 94 -6.68 1.42 32.25
C THR D 94 -6.42 -0.07 32.37
N LYS D 95 -5.90 -0.65 31.29
CA LYS D 95 -5.37 -2.01 31.34
C LYS D 95 -4.21 -2.11 30.35
N GLY D 96 -3.49 -3.23 30.43
CA GLY D 96 -2.46 -3.49 29.44
C GLY D 96 -3.07 -3.56 28.05
N GLY D 97 -2.36 -2.96 27.09
CA GLY D 97 -2.88 -2.92 25.74
C GLY D 97 -4.03 -1.94 25.57
N LEU D 98 -4.97 -2.31 24.72
CA LEU D 98 -6.04 -1.38 24.34
C LEU D 98 -7.03 -1.22 25.49
N ASP D 99 -7.14 0.00 25.99
CA ASP D 99 -8.04 0.29 27.08
C ASP D 99 -9.49 0.23 26.59
N PRO D 100 -10.40 -0.33 27.36
CA PRO D 100 -11.82 -0.06 27.12
C PRO D 100 -12.08 1.43 27.21
N MET D 101 -12.81 1.93 26.23
CA MET D 101 -13.08 3.34 26.16
C MET D 101 -14.47 3.52 25.59
N PHE D 102 -15.12 4.60 26.00
CA PHE D 102 -16.42 4.95 25.49
C PHE D 102 -16.45 6.43 25.15
N LYS D 103 -16.88 6.74 23.92
CA LYS D 103 -16.85 8.09 23.40
C LYS D 103 -18.05 8.88 23.90
N VAL D 104 -17.77 10.03 24.52
CA VAL D 104 -18.79 10.96 25.01
C VAL D 104 -18.56 12.28 24.31
N THR D 105 -19.57 12.78 23.63
CA THR D 105 -19.49 14.11 23.04
C THR D 105 -20.06 15.14 24.01
N VAL D 106 -19.29 16.18 24.27
CA VAL D 106 -19.66 17.23 25.19
C VAL D 106 -20.07 18.47 24.42
N ASN D 107 -21.27 18.98 24.69
CA ASN D 107 -21.75 20.22 24.13
C ASN D 107 -21.88 21.28 25.22
N ILE D 108 -21.48 22.50 24.90
CA ILE D 108 -21.55 23.62 25.84
C ILE D 108 -22.50 24.68 25.27
N GLY D 109 -23.54 25.03 26.05
CA GLY D 109 -24.41 26.13 25.71
C GLY D 109 -23.94 27.42 26.37
N PRO D 110 -23.93 28.53 25.63
CA PRO D 110 -23.40 29.78 26.19
C PRO D 110 -24.32 30.36 27.25
N VAL D 111 -23.75 31.27 28.04
CA VAL D 111 -24.47 31.98 29.11
C VAL D 111 -25.44 31.05 29.86
#